data_2OK4
#
_entry.id   2OK4
#
_cell.length_a   70.807
_cell.length_b   88.957
_cell.length_c   81.016
_cell.angle_alpha   90.00
_cell.angle_beta   90.31
_cell.angle_gamma   90.00
#
_symmetry.space_group_name_H-M   'P 1 21 1'
#
loop_
_entity.id
_entity.type
_entity.pdbx_description
1 polymer 'Aromatic amine dehydrogenase, small subunit'
2 polymer 'Aromatic amine dehydrogenase, large subunit'
3 non-polymer PHENYLACETALDEHYDE
4 water water
#
loop_
_entity_poly.entity_id
_entity_poly.type
_entity_poly.pdbx_seq_one_letter_code
_entity_poly.pdbx_strand_id
1 'polypeptide(L)'
;AGGGGSSSGADHISLNPDLANEDEVNSCDYWRHCAVDGFLCSCCGGTTTTCPPGSTPSPIS(TQQ)IGTCHNPHDGKDYL
ISYHDCCGKTACGRCQCNTQTRERPGYEFFLHNDVNWCMANENSTFHCTTSVLVGLAKN
;
D,H
2 'polypeptide(L)'
;REVLTGGHSVSAPQENRIYVMDSVFMHLTESRVHVYDYTNGKFLGMVPTAFNGHVQVSNDGKKIYTMTTYHERITRGKRS
DVVEVWDADKLTFEKEISLPPKRVQGLNYDGLFRQTTDGKFIVLQNASPATSIGIVDVAKGDYVEDVTAAAGCWSVIPQP
NRPRSFMTICGDGGLLTINLGEDGKVASQSRSKQMFSVKDDPIFIAPALDKDKAHFVSYYGNVYSADFSGDEVKVDGPWS
LLNDEDKAKNWVPGGYNLVGLHRASGRMYVFMHPDGKEGTHKFPAAEIWVMDTKTKQRVARIPGRDALSMTIDQQRNLML
TLDGGNVNVYDISQPEPKLLRTIEGAAEASLQVQFHPVGGT
;
A,B
#
# COMPACT_ATOMS: atom_id res chain seq x y z
N GLU A 24 -27.14 9.14 -3.25
CA GLU A 24 -27.48 8.42 -1.98
C GLU A 24 -26.99 6.96 -1.96
N VAL A 25 -26.84 6.33 -3.13
CA VAL A 25 -26.33 4.95 -3.20
CA VAL A 25 -26.33 4.96 -3.22
C VAL A 25 -24.85 4.87 -2.81
N ASN A 26 -24.15 6.01 -2.87
CA ASN A 26 -22.71 6.05 -2.50
C ASN A 26 -22.48 6.28 -1.01
N SER A 27 -23.55 6.34 -0.22
CA SER A 27 -23.45 6.50 1.23
C SER A 27 -23.57 5.16 1.95
N CYS A 28 -22.75 5.00 2.98
CA CYS A 28 -22.82 3.77 3.80
C CYS A 28 -24.17 3.59 4.49
N ASP A 29 -24.92 4.69 4.61
CA ASP A 29 -26.24 4.66 5.25
C ASP A 29 -27.39 4.24 4.31
N TYR A 30 -27.11 4.10 3.02
CA TYR A 30 -28.12 3.63 2.08
C TYR A 30 -28.62 2.28 2.55
N TRP A 31 -29.93 2.08 2.52
CA TRP A 31 -30.50 0.98 3.24
C TRP A 31 -29.98 -0.39 2.80
N ARG A 32 -29.63 -0.52 1.52
CA ARG A 32 -29.22 -1.83 0.98
C ARG A 32 -27.85 -2.23 1.44
N HIS A 33 -27.09 -1.28 1.99
CA HIS A 33 -25.67 -1.54 2.38
C HIS A 33 -25.53 -1.93 3.87
N CYS A 34 -26.58 -2.53 4.44
CA CYS A 34 -26.66 -2.69 5.90
C CYS A 34 -25.66 -3.73 6.47
N ALA A 35 -25.05 -4.55 5.61
CA ALA A 35 -23.98 -5.47 6.09
C ALA A 35 -22.77 -5.50 5.15
N VAL A 36 -22.42 -4.33 4.61
CA VAL A 36 -21.20 -4.18 3.81
C VAL A 36 -19.96 -3.94 4.69
N ASP A 37 -18.95 -4.77 4.48
CA ASP A 37 -17.61 -4.55 5.03
C ASP A 37 -16.66 -4.49 3.84
N GLY A 38 -16.49 -3.31 3.27
CA GLY A 38 -15.68 -3.15 2.06
C GLY A 38 -15.92 -1.81 1.39
N PHE A 39 -15.57 -1.71 0.11
CA PHE A 39 -15.73 -0.47 -0.66
C PHE A 39 -16.93 -0.58 -1.57
N LEU A 40 -17.81 0.41 -1.57
CA LEU A 40 -19.00 0.36 -2.44
C LEU A 40 -18.62 0.44 -3.90
N CYS A 41 -18.99 -0.58 -4.69
CA CYS A 41 -18.60 -0.61 -6.10
C CYS A 41 -19.14 0.57 -6.88
N SER A 42 -20.26 1.15 -6.42
CA SER A 42 -20.83 2.33 -7.09
C SER A 42 -19.93 3.57 -7.02
N CYS A 43 -18.96 3.55 -6.11
CA CYS A 43 -17.96 4.62 -6.04
C CYS A 43 -16.69 4.29 -6.79
N CYS A 44 -16.65 3.12 -7.42
CA CYS A 44 -15.42 2.56 -7.96
C CYS A 44 -15.51 2.36 -9.49
N GLY A 45 -16.49 3.02 -10.14
CA GLY A 45 -16.63 2.90 -11.58
C GLY A 45 -17.64 1.82 -11.98
N GLY A 46 -18.29 1.23 -10.97
CA GLY A 46 -19.35 0.26 -11.19
C GLY A 46 -20.67 0.80 -10.70
N THR A 47 -21.59 -0.09 -10.40
CA THR A 47 -22.87 0.29 -9.81
C THR A 47 -23.20 -0.69 -8.68
N THR A 48 -24.37 -0.52 -8.05
CA THR A 48 -24.79 -1.39 -6.97
CA THR A 48 -24.79 -1.42 -6.97
C THR A 48 -24.87 -2.85 -7.43
N THR A 49 -25.08 -3.06 -8.73
CA THR A 49 -25.26 -4.42 -9.27
C THR A 49 -24.31 -4.77 -10.45
N THR A 50 -23.27 -3.97 -10.68
CA THR A 50 -22.32 -4.28 -11.74
C THR A 50 -20.90 -3.98 -11.30
N CYS A 51 -19.97 -4.82 -11.74
CA CYS A 51 -18.58 -4.64 -11.32
C CYS A 51 -17.94 -3.54 -12.13
N PRO A 52 -17.03 -2.78 -11.49
CA PRO A 52 -16.20 -1.87 -12.29
C PRO A 52 -15.49 -2.61 -13.44
N PRO A 53 -15.22 -1.91 -14.56
CA PRO A 53 -14.56 -2.58 -15.67
C PRO A 53 -13.30 -3.36 -15.22
N GLY A 54 -13.17 -4.61 -15.70
CA GLY A 54 -11.98 -5.40 -15.47
C GLY A 54 -11.91 -6.05 -14.10
N SER A 55 -12.98 -5.95 -13.30
CA SER A 55 -13.09 -6.70 -12.05
C SER A 55 -14.17 -7.78 -12.17
N THR A 56 -13.97 -8.90 -11.50
CA THR A 56 -14.72 -10.13 -11.75
C THR A 56 -15.70 -10.41 -10.60
N PRO A 57 -17.00 -10.65 -10.91
CA PRO A 57 -17.92 -11.00 -9.82
C PRO A 57 -17.53 -12.27 -9.07
N SER A 58 -17.79 -12.29 -7.78
CA SER A 58 -17.69 -13.54 -7.02
C SER A 58 -18.97 -14.34 -7.16
N PRO A 59 -18.84 -15.67 -7.33
CA PRO A 59 -20.02 -16.54 -7.40
C PRO A 59 -20.67 -16.79 -6.03
N ILE A 60 -19.96 -16.43 -4.96
CA ILE A 60 -20.39 -16.66 -3.59
C ILE A 60 -20.42 -15.30 -2.88
N SER A 61 -21.04 -15.24 -1.72
CA SER A 61 -21.26 -13.97 -1.03
C SER A 61 -21.70 -14.21 0.39
N ILE A 63 -24.75 -12.77 2.89
CA ILE A 63 -26.09 -12.23 2.69
C ILE A 63 -26.46 -11.40 3.90
N GLY A 64 -27.08 -10.25 3.66
CA GLY A 64 -27.65 -9.46 4.73
C GLY A 64 -29.16 -9.38 4.63
N THR A 65 -29.82 -9.14 5.76
CA THR A 65 -31.24 -8.82 5.74
C THR A 65 -31.40 -7.37 6.17
N CYS A 66 -31.90 -6.54 5.25
CA CYS A 66 -31.88 -5.08 5.43
C CYS A 66 -33.29 -4.53 5.38
N HIS A 67 -33.54 -3.51 6.17
CA HIS A 67 -34.89 -2.94 6.29
C HIS A 67 -35.09 -1.82 5.25
N ASN A 68 -36.11 -1.96 4.42
CA ASN A 68 -36.42 -0.94 3.42
C ASN A 68 -37.27 0.16 4.08
N PRO A 69 -36.75 1.40 4.09
CA PRO A 69 -37.39 2.49 4.85
C PRO A 69 -38.63 3.04 4.14
N HIS A 70 -38.88 2.57 2.92
CA HIS A 70 -40.01 3.07 2.14
C HIS A 70 -41.22 2.21 2.39
N ASP A 71 -41.08 0.89 2.18
CA ASP A 71 -42.23 -0.03 2.35
C ASP A 71 -42.24 -0.79 3.68
N GLY A 72 -41.21 -0.58 4.51
CA GLY A 72 -41.17 -1.12 5.86
C GLY A 72 -40.91 -2.61 5.95
N LYS A 73 -40.55 -3.23 4.82
CA LYS A 73 -40.28 -4.67 4.77
C LYS A 73 -38.80 -4.94 4.74
N ASP A 74 -38.42 -6.15 5.15
CA ASP A 74 -37.02 -6.59 5.12
C ASP A 74 -36.72 -7.38 3.86
N TYR A 75 -35.54 -7.13 3.29
CA TYR A 75 -35.14 -7.75 2.04
C TYR A 75 -33.81 -8.46 2.21
N LEU A 76 -33.64 -9.55 1.48
CA LEU A 76 -32.33 -10.21 1.38
C LEU A 76 -31.44 -9.51 0.37
N ILE A 77 -30.27 -9.11 0.84
CA ILE A 77 -29.26 -8.48 0.00
C ILE A 77 -28.04 -9.38 -0.08
N SER A 78 -27.62 -9.69 -1.31
CA SER A 78 -26.45 -10.56 -1.54
CA SER A 78 -26.45 -10.55 -1.51
C SER A 78 -25.23 -9.70 -1.84
N TYR A 79 -24.21 -9.78 -0.97
CA TYR A 79 -23.00 -8.96 -1.10
C TYR A 79 -21.92 -9.69 -1.87
N HIS A 80 -22.13 -9.79 -3.17
CA HIS A 80 -21.13 -10.31 -4.07
C HIS A 80 -20.01 -9.29 -4.19
N ASP A 81 -18.80 -9.78 -4.23
CA ASP A 81 -17.65 -8.91 -4.39
C ASP A 81 -17.30 -8.82 -5.86
N CYS A 82 -16.50 -7.82 -6.19
CA CYS A 82 -15.79 -7.75 -7.45
C CYS A 82 -14.33 -7.94 -7.13
N CYS A 83 -13.67 -8.76 -7.94
CA CYS A 83 -12.37 -9.34 -7.58
C CYS A 83 -11.34 -9.20 -8.71
N GLY A 84 -10.08 -9.44 -8.39
CA GLY A 84 -9.03 -9.50 -9.40
C GLY A 84 -8.42 -8.14 -9.76
N LYS A 85 -8.75 -7.11 -8.98
CA LYS A 85 -8.01 -5.83 -9.00
C LYS A 85 -7.79 -5.43 -7.57
N THR A 86 -6.80 -4.60 -7.35
CA THR A 86 -6.44 -4.17 -6.03
C THR A 86 -7.47 -3.20 -5.47
N ALA A 87 -7.38 -2.93 -4.16
CA ALA A 87 -8.42 -2.26 -3.39
C ALA A 87 -8.87 -0.96 -4.02
N CYS A 88 -10.17 -0.80 -4.20
CA CYS A 88 -10.68 0.44 -4.79
C CYS A 88 -10.40 1.66 -3.92
N GLY A 89 -10.57 1.51 -2.63
CA GLY A 89 -10.18 2.57 -1.68
C GLY A 89 -11.21 3.66 -1.44
N ARG A 90 -12.34 3.59 -2.14
CA ARG A 90 -13.35 4.63 -2.04
C ARG A 90 -14.62 4.11 -1.39
N CYS A 91 -15.28 4.98 -0.61
CA CYS A 91 -16.53 4.63 0.04
C CYS A 91 -16.41 3.35 0.85
N GLN A 92 -15.45 3.32 1.78
CA GLN A 92 -15.34 2.22 2.69
C GLN A 92 -16.45 2.24 3.73
N CYS A 93 -17.13 1.10 3.87
CA CYS A 93 -18.20 0.94 4.86
C CYS A 93 -17.92 -0.26 5.71
N ASN A 94 -18.44 -0.25 6.95
CA ASN A 94 -18.31 -1.40 7.85
C ASN A 94 -19.58 -1.57 8.68
N THR A 95 -20.69 -1.86 8.00
CA THR A 95 -21.99 -1.94 8.65
CA THR A 95 -22.00 -1.94 8.64
C THR A 95 -22.32 -3.40 8.91
N GLN A 96 -23.11 -3.66 9.97
CA GLN A 96 -23.14 -4.98 10.57
C GLN A 96 -24.52 -5.46 10.96
N THR A 97 -25.55 -4.90 10.36
CA THR A 97 -26.90 -5.26 10.71
C THR A 97 -27.11 -6.76 10.42
N ARG A 98 -27.41 -7.51 11.49
CA ARG A 98 -27.72 -8.96 11.44
C ARG A 98 -26.53 -9.83 10.99
N GLU A 99 -25.35 -9.22 10.96
CA GLU A 99 -24.13 -9.94 10.68
C GLU A 99 -23.78 -10.86 11.82
N ARG A 100 -23.26 -12.05 11.50
CA ARG A 100 -22.93 -13.08 12.49
C ARG A 100 -21.55 -13.70 12.23
N PRO A 101 -20.96 -14.33 13.25
CA PRO A 101 -19.59 -14.87 13.09
C PRO A 101 -19.47 -16.06 12.16
N GLY A 102 -18.23 -16.54 11.98
CA GLY A 102 -17.94 -17.49 10.92
C GLY A 102 -18.59 -18.85 11.06
N TYR A 103 -19.14 -19.15 12.23
CA TYR A 103 -19.89 -20.39 12.45
C TYR A 103 -21.33 -20.27 11.90
N GLU A 104 -21.68 -19.08 11.40
CA GLU A 104 -22.81 -18.91 10.48
C GLU A 104 -22.25 -18.26 9.22
N PHE A 105 -21.56 -19.06 8.42
CA PHE A 105 -20.51 -18.52 7.55
C PHE A 105 -21.07 -17.53 6.53
N PHE A 106 -22.24 -17.84 5.97
CA PHE A 106 -22.77 -17.02 4.90
C PHE A 106 -23.51 -15.78 5.38
N LEU A 107 -23.51 -15.57 6.71
CA LEU A 107 -23.97 -14.30 7.29
C LEU A 107 -22.83 -13.41 7.74
N HIS A 108 -21.60 -13.82 7.41
CA HIS A 108 -20.39 -13.28 8.07
C HIS A 108 -19.58 -12.42 7.07
N ASN A 109 -19.17 -11.22 7.50
CA ASN A 109 -18.53 -10.27 6.57
C ASN A 109 -17.10 -9.86 6.90
N ASP A 110 -16.44 -10.59 7.81
CA ASP A 110 -15.01 -10.37 8.10
C ASP A 110 -14.13 -11.34 7.31
N VAL A 111 -14.69 -11.95 6.28
CA VAL A 111 -13.92 -12.77 5.34
C VAL A 111 -14.01 -12.21 3.93
N ASN A 112 -13.01 -12.51 3.12
CA ASN A 112 -12.95 -12.05 1.73
C ASN A 112 -13.84 -12.92 0.86
N TRP A 113 -14.99 -12.41 0.44
CA TRP A 113 -15.88 -13.21 -0.38
C TRP A 113 -15.37 -13.40 -1.81
N CYS A 114 -14.16 -12.86 -2.09
CA CYS A 114 -13.40 -13.20 -3.33
C CYS A 114 -12.57 -14.48 -3.18
N MET A 115 -12.69 -15.16 -2.02
CA MET A 115 -11.75 -16.24 -1.66
C MET A 115 -11.70 -17.40 -2.66
N ALA A 116 -12.78 -17.59 -3.44
CA ALA A 116 -12.88 -18.71 -4.39
C ALA A 116 -12.75 -18.27 -5.84
N ASN A 117 -12.47 -16.99 -6.05
CA ASN A 117 -12.29 -16.49 -7.42
C ASN A 117 -10.92 -16.89 -7.97
N GLU A 118 -10.82 -16.85 -9.28
CA GLU A 118 -9.58 -17.17 -9.97
C GLU A 118 -8.47 -16.28 -9.47
N ASN A 119 -8.79 -15.02 -9.25
CA ASN A 119 -7.91 -14.16 -8.47
C ASN A 119 -8.66 -13.58 -7.31
N SER A 120 -8.13 -13.81 -6.12
CA SER A 120 -8.83 -13.51 -4.88
C SER A 120 -8.62 -12.08 -4.37
N THR A 121 -7.87 -11.25 -5.11
CA THR A 121 -7.64 -9.88 -4.66
C THR A 121 -8.97 -9.13 -4.60
N PHE A 122 -9.23 -8.49 -3.47
CA PHE A 122 -10.52 -7.83 -3.25
C PHE A 122 -10.52 -6.41 -3.79
N HIS A 123 -11.51 -6.10 -4.64
CA HIS A 123 -11.62 -4.78 -5.24
C HIS A 123 -12.73 -3.92 -4.62
N CYS A 124 -13.96 -4.44 -4.62
CA CYS A 124 -15.09 -3.72 -4.03
C CYS A 124 -16.26 -4.66 -3.79
N THR A 125 -17.28 -4.18 -3.07
CA THR A 125 -18.46 -4.98 -2.69
C THR A 125 -19.71 -4.39 -3.36
N THR A 126 -20.55 -5.27 -3.95
CA THR A 126 -21.84 -4.88 -4.51
C THR A 126 -22.94 -5.26 -3.54
N SER A 127 -24.14 -4.74 -3.79
CA SER A 127 -25.29 -4.96 -2.91
C SER A 127 -26.51 -5.35 -3.76
N VAL A 128 -26.63 -6.65 -4.03
CA VAL A 128 -27.60 -7.17 -5.01
C VAL A 128 -28.90 -7.58 -4.30
N LEU A 129 -30.01 -6.96 -4.68
CA LEU A 129 -31.30 -7.30 -4.09
C LEU A 129 -31.73 -8.66 -4.58
N VAL A 130 -31.94 -9.60 -3.65
CA VAL A 130 -32.45 -10.93 -3.98
C VAL A 130 -33.98 -10.93 -3.95
N GLY A 131 -34.55 -10.46 -2.85
CA GLY A 131 -36.00 -10.41 -2.69
C GLY A 131 -36.42 -10.32 -1.25
N LEU A 132 -37.70 -10.52 -1.00
CA LEU A 132 -38.23 -10.36 0.35
C LEU A 132 -37.64 -11.42 1.28
N ALA A 133 -37.27 -11.00 2.48
CA ALA A 133 -36.82 -11.92 3.53
C ALA A 133 -37.99 -12.61 4.21
N HIS B 12 33.73 14.54 18.44
CA HIS B 12 32.94 15.29 17.43
C HIS B 12 31.58 14.63 17.22
N ILE B 13 30.58 15.06 18.00
CA ILE B 13 29.25 14.45 17.97
C ILE B 13 28.56 14.71 16.63
N SER B 14 28.90 15.84 16.00
CA SER B 14 28.27 16.21 14.72
C SER B 14 28.60 15.21 13.60
N LEU B 15 29.72 14.48 13.76
CA LEU B 15 30.13 13.47 12.76
C LEU B 15 29.69 12.05 13.16
N ASN B 16 29.12 11.92 14.35
CA ASN B 16 28.86 10.61 14.95
C ASN B 16 27.41 10.48 15.41
N PRO B 17 26.49 10.20 14.47
CA PRO B 17 25.03 10.23 14.74
C PRO B 17 24.60 9.30 15.87
N ASP B 18 25.32 8.19 16.06
CA ASP B 18 24.98 7.23 17.11
C ASP B 18 25.17 7.84 18.51
N LEU B 19 25.97 8.90 18.62
CA LEU B 19 26.19 9.59 19.90
C LEU B 19 25.22 10.76 20.10
N ALA B 20 24.60 11.19 19.00
CA ALA B 20 23.75 12.37 19.01
C ALA B 20 22.37 12.04 19.58
N ASN B 21 21.53 13.08 19.67
CA ASN B 21 20.12 12.90 20.05
C ASN B 21 19.35 12.22 18.92
N GLU B 22 18.64 11.14 19.24
CA GLU B 22 17.88 10.39 18.24
C GLU B 22 16.88 11.28 17.49
N ASP B 23 16.26 12.21 18.22
CA ASP B 23 15.27 13.11 17.61
C ASP B 23 15.91 14.04 16.56
N GLU B 24 17.18 14.39 16.76
CA GLU B 24 17.90 15.22 15.79
C GLU B 24 18.25 14.40 14.54
N VAL B 25 18.74 13.20 14.75
CA VAL B 25 19.19 12.34 13.67
C VAL B 25 18.00 11.86 12.82
N ASN B 26 16.84 11.71 13.47
CA ASN B 26 15.62 11.24 12.80
C ASN B 26 14.82 12.38 12.16
N SER B 27 15.43 13.56 12.07
CA SER B 27 14.81 14.70 11.42
C SER B 27 15.32 14.88 10.01
N CYS B 28 14.44 15.26 9.10
CA CYS B 28 14.83 15.56 7.72
C CYS B 28 15.83 16.74 7.65
N ASP B 29 15.85 17.56 8.71
CA ASP B 29 16.72 18.73 8.79
C ASP B 29 18.10 18.41 9.29
N TYR B 30 18.34 17.18 9.72
CA TYR B 30 19.72 16.77 10.11
C TYR B 30 20.68 16.98 8.94
N TRP B 31 21.84 17.57 9.21
CA TRP B 31 22.65 18.11 8.14
C TRP B 31 23.04 17.10 7.06
N ARG B 32 23.26 15.83 7.43
CA ARG B 32 23.76 14.90 6.44
C ARG B 32 22.66 14.31 5.58
N HIS B 33 21.41 14.63 5.88
CA HIS B 33 20.26 14.11 5.10
C HIS B 33 19.87 15.07 3.96
N CYS B 34 20.82 15.82 3.42
CA CYS B 34 20.49 17.00 2.62
C CYS B 34 20.00 16.66 1.20
N ALA B 35 20.18 15.43 0.78
CA ALA B 35 19.60 14.95 -0.51
C ALA B 35 18.91 13.59 -0.39
N VAL B 36 18.17 13.39 0.71
CA VAL B 36 17.36 12.18 0.92
C VAL B 36 15.99 12.31 0.27
N ASP B 37 15.66 11.36 -0.61
CA ASP B 37 14.30 11.16 -1.09
C ASP B 37 13.90 9.75 -0.67
N GLY B 38 13.31 9.63 0.51
CA GLY B 38 12.96 8.32 1.05
C GLY B 38 12.71 8.34 2.53
N PHE B 39 12.67 7.15 3.14
CA PHE B 39 12.40 7.01 4.58
C PHE B 39 13.73 6.83 5.30
N LEU B 40 13.97 7.61 6.34
CA LEU B 40 15.23 7.46 7.07
C LEU B 40 15.32 6.10 7.77
N CYS B 41 16.36 5.32 7.45
CA CYS B 41 16.53 3.99 8.05
C CYS B 41 16.62 4.04 9.60
N SER B 42 17.11 5.15 10.15
CA SER B 42 17.18 5.31 11.60
C SER B 42 15.83 5.34 12.29
N CYS B 43 14.74 5.56 11.53
CA CYS B 43 13.36 5.50 12.09
C CYS B 43 12.70 4.16 11.80
N CYS B 44 13.46 3.27 11.18
CA CYS B 44 12.90 2.04 10.62
C CYS B 44 13.51 0.80 11.26
N GLY B 45 14.13 0.97 12.43
CA GLY B 45 14.74 -0.15 13.13
C GLY B 45 16.22 -0.36 12.79
N GLY B 46 16.78 0.54 11.96
CA GLY B 46 18.20 0.56 11.71
C GLY B 46 18.82 1.78 12.35
N THR B 47 19.98 2.17 11.83
CA THR B 47 20.62 3.41 12.21
C THR B 47 21.04 4.13 10.94
N THR B 48 21.68 5.27 11.11
CA THR B 48 22.21 6.03 9.99
C THR B 48 23.13 5.20 9.06
N THR B 49 23.82 4.21 9.62
CA THR B 49 24.79 3.44 8.84
C THR B 49 24.55 1.91 8.89
N THR B 50 23.36 1.48 9.35
CA THR B 50 23.03 0.05 9.35
C THR B 50 21.59 -0.17 8.89
N CYS B 51 21.40 -1.21 8.06
CA CYS B 51 20.05 -1.53 7.56
C CYS B 51 19.22 -2.14 8.67
N PRO B 52 17.91 -1.80 8.71
CA PRO B 52 17.03 -2.54 9.60
C PRO B 52 17.15 -4.05 9.37
N PRO B 53 16.89 -4.85 10.40
CA PRO B 53 17.05 -6.29 10.25
C PRO B 53 16.32 -6.82 9.03
N GLY B 54 16.99 -7.67 8.27
CA GLY B 54 16.36 -8.36 7.12
C GLY B 54 16.21 -7.51 5.85
N SER B 55 16.79 -6.32 5.85
CA SER B 55 16.92 -5.51 4.64
C SER B 55 18.38 -5.42 4.21
N THR B 56 18.58 -5.33 2.90
CA THR B 56 19.88 -5.52 2.28
C THR B 56 20.44 -4.21 1.73
N PRO B 57 21.71 -3.85 2.10
CA PRO B 57 22.32 -2.64 1.53
C PRO B 57 22.40 -2.64 0.01
N SER B 58 22.21 -1.47 -0.60
CA SER B 58 22.45 -1.31 -2.03
C SER B 58 23.93 -1.06 -2.27
N PRO B 59 24.50 -1.72 -3.31
CA PRO B 59 25.92 -1.57 -3.65
C PRO B 59 26.20 -0.23 -4.36
N ILE B 60 25.12 0.45 -4.76
CA ILE B 60 25.17 1.69 -5.50
C ILE B 60 24.30 2.72 -4.81
N SER B 61 24.46 3.99 -5.18
CA SER B 61 23.79 5.09 -4.49
C SER B 61 23.87 6.35 -5.28
N ILE B 63 24.77 10.40 -4.59
CA ILE B 63 25.74 11.07 -3.71
C ILE B 63 25.32 12.48 -3.55
N GLY B 64 25.42 13.00 -2.33
CA GLY B 64 25.17 14.42 -2.07
C GLY B 64 26.38 15.06 -1.41
N THR B 65 26.46 16.38 -1.49
CA THR B 65 27.47 17.15 -0.75
C THR B 65 26.71 17.99 0.25
N CYS B 66 26.97 17.77 1.55
CA CYS B 66 26.19 18.45 2.59
C CYS B 66 27.11 19.24 3.50
N HIS B 67 26.62 20.39 3.94
CA HIS B 67 27.39 21.26 4.83
C HIS B 67 27.11 20.91 6.27
N ASN B 68 28.17 20.73 7.06
CA ASN B 68 28.04 20.51 8.49
C ASN B 68 28.15 21.84 9.25
N PRO B 69 27.03 22.30 9.83
CA PRO B 69 27.00 23.61 10.48
C PRO B 69 27.78 23.63 11.80
N HIS B 70 28.02 22.46 12.37
CA HIS B 70 28.72 22.35 13.65
C HIS B 70 30.21 22.61 13.50
N ASP B 71 30.85 22.01 12.49
CA ASP B 71 32.29 22.17 12.29
C ASP B 71 32.63 22.99 11.03
N GLY B 72 31.60 23.44 10.31
CA GLY B 72 31.78 24.40 9.23
C GLY B 72 32.34 23.82 7.93
N LYS B 73 32.41 22.50 7.84
CA LYS B 73 33.01 21.83 6.69
C LYS B 73 31.96 21.12 5.85
N ASP B 74 32.32 20.82 4.60
CA ASP B 74 31.43 20.15 3.65
C ASP B 74 31.86 18.73 3.44
N TYR B 75 30.90 17.81 3.41
CA TYR B 75 31.20 16.40 3.38
C TYR B 75 30.47 15.70 2.24
N LEU B 76 31.14 14.71 1.64
CA LEU B 76 30.50 13.81 0.68
C LEU B 76 29.68 12.77 1.41
N ILE B 77 28.39 12.67 1.02
CA ILE B 77 27.47 11.72 1.62
C ILE B 77 26.99 10.76 0.55
N SER B 78 27.02 9.48 0.86
CA SER B 78 26.52 8.44 -0.06
C SER B 78 25.18 7.92 0.47
N TYR B 79 24.14 8.04 -0.35
N TYR B 79 24.14 8.04 -0.35
CA TYR B 79 22.79 7.68 0.05
CA TYR B 79 22.78 7.65 0.06
C TYR B 79 22.44 6.27 -0.41
C TYR B 79 22.45 6.27 -0.42
N HIS B 80 23.02 5.29 0.27
CA HIS B 80 22.69 3.89 0.02
C HIS B 80 21.32 3.61 0.53
N ASP B 81 20.61 2.73 -0.16
CA ASP B 81 19.31 2.28 0.32
C ASP B 81 19.45 0.94 1.03
N CYS B 82 18.41 0.59 1.81
CA CYS B 82 18.21 -0.77 2.26
C CYS B 82 17.03 -1.34 1.53
N CYS B 83 17.15 -2.61 1.11
CA CYS B 83 16.33 -3.18 0.07
C CYS B 83 15.75 -4.56 0.44
N GLY B 84 14.70 -4.97 -0.28
CA GLY B 84 14.14 -6.32 -0.18
C GLY B 84 13.14 -6.47 0.95
N LYS B 85 12.65 -5.34 1.44
CA LYS B 85 11.46 -5.29 2.27
C LYS B 85 10.62 -4.12 1.78
N THR B 86 9.31 -4.21 2.00
CA THR B 86 8.41 -3.19 1.56
C THR B 86 8.58 -1.87 2.37
N ALA B 87 7.98 -0.81 1.86
CA ALA B 87 8.23 0.55 2.35
C ALA B 87 8.15 0.68 3.86
N CYS B 88 9.20 1.23 4.48
CA CYS B 88 9.17 1.46 5.92
C CYS B 88 8.05 2.42 6.34
N GLY B 89 7.86 3.50 5.59
CA GLY B 89 6.76 4.42 5.82
C GLY B 89 6.96 5.48 6.90
N ARG B 90 8.12 5.46 7.55
CA ARG B 90 8.41 6.38 8.66
C ARG B 90 9.52 7.35 8.26
N CYS B 91 9.42 8.58 8.80
CA CYS B 91 10.44 9.62 8.55
C CYS B 91 10.73 9.81 7.04
N GLN B 92 9.68 10.08 6.28
CA GLN B 92 9.85 10.38 4.88
C GLN B 92 10.43 11.80 4.71
N CYS B 93 11.51 11.88 3.95
CA CYS B 93 12.16 13.16 3.61
C CYS B 93 12.23 13.29 2.09
N ASN B 94 12.27 14.53 1.62
CA ASN B 94 12.44 14.81 0.20
C ASN B 94 13.32 16.04 -0.01
N THR B 95 14.54 15.97 0.50
CA THR B 95 15.47 17.11 0.47
C THR B 95 16.34 17.02 -0.78
N GLN B 96 16.77 18.17 -1.30
CA GLN B 96 17.25 18.24 -2.70
C GLN B 96 18.51 19.09 -2.90
N THR B 97 19.27 19.33 -1.81
CA THR B 97 20.47 20.16 -1.92
C THR B 97 21.46 19.54 -2.90
N ARG B 98 21.79 20.31 -3.95
CA ARG B 98 22.74 19.91 -4.99
C ARG B 98 22.31 18.70 -5.86
N GLU B 99 21.06 18.26 -5.69
CA GLU B 99 20.54 17.16 -6.47
C GLU B 99 20.31 17.62 -7.90
N ARG B 100 20.62 16.74 -8.84
CA ARG B 100 20.48 17.03 -10.26
C ARG B 100 19.73 15.93 -11.00
N PRO B 101 19.25 16.23 -12.22
CA PRO B 101 18.47 15.25 -13.00
C PRO B 101 19.27 14.04 -13.50
N GLY B 102 18.58 13.14 -14.17
CA GLY B 102 19.14 11.86 -14.49
C GLY B 102 20.28 11.84 -15.50
N TYR B 103 20.48 12.94 -16.22
CA TYR B 103 21.68 13.06 -17.09
C TYR B 103 22.95 13.37 -16.24
N GLU B 104 22.76 13.56 -14.93
CA GLU B 104 23.89 13.49 -13.98
C GLU B 104 23.53 12.42 -12.95
N PHE B 105 23.61 11.17 -13.38
CA PHE B 105 22.77 10.12 -12.78
C PHE B 105 23.08 9.87 -11.32
N PHE B 106 24.36 9.93 -10.93
CA PHE B 106 24.69 9.59 -9.56
C PHE B 106 24.52 10.76 -8.57
N LEU B 107 24.07 11.91 -9.09
CA LEU B 107 23.60 13.03 -8.26
C LEU B 107 22.04 13.09 -8.15
N HIS B 108 21.35 12.08 -8.70
CA HIS B 108 19.90 12.14 -8.91
C HIS B 108 19.15 11.24 -7.90
N ASN B 109 18.09 11.75 -7.28
CA ASN B 109 17.41 10.97 -6.23
C ASN B 109 15.93 10.63 -6.49
N ASP B 110 15.49 10.78 -7.74
CA ASP B 110 14.11 10.36 -8.16
C ASP B 110 14.10 9.00 -8.79
N VAL B 111 15.19 8.25 -8.62
CA VAL B 111 15.25 6.87 -8.98
C VAL B 111 15.49 5.99 -7.77
N ASN B 112 15.10 4.74 -7.89
CA ASN B 112 15.25 3.75 -6.84
C ASN B 112 16.68 3.19 -6.80
N TRP B 113 17.46 3.58 -5.80
CA TRP B 113 18.81 3.13 -5.77
C TRP B 113 18.96 1.65 -5.31
N CYS B 114 17.81 0.99 -5.01
CA CYS B 114 17.75 -0.47 -4.90
C CYS B 114 17.68 -1.18 -6.27
N MET B 115 17.78 -0.43 -7.37
CA MET B 115 17.44 -0.96 -8.71
C MET B 115 18.32 -2.15 -9.18
N ALA B 116 19.51 -2.33 -8.58
CA ALA B 116 20.41 -3.39 -8.96
C ALA B 116 20.54 -4.49 -7.91
N ASN B 117 19.78 -4.38 -6.81
CA ASN B 117 19.78 -5.39 -5.75
C ASN B 117 19.06 -6.67 -6.20
N GLU B 118 19.34 -7.77 -5.51
CA GLU B 118 18.70 -9.05 -5.79
C GLU B 118 17.19 -8.92 -5.70
N ASN B 119 16.74 -8.17 -4.71
CA ASN B 119 15.37 -7.66 -4.68
C ASN B 119 15.32 -6.15 -4.57
N SER B 120 14.66 -5.55 -5.55
CA SER B 120 14.69 -4.11 -5.72
C SER B 120 13.60 -3.37 -4.93
N THR B 121 12.81 -4.07 -4.12
CA THR B 121 11.80 -3.38 -3.35
C THR B 121 12.49 -2.42 -2.38
N PHE B 122 12.04 -1.16 -2.38
CA PHE B 122 12.68 -0.09 -1.58
C PHE B 122 12.17 -0.08 -0.15
N HIS B 123 13.09 -0.14 0.84
CA HIS B 123 12.69 -0.17 2.24
C HIS B 123 12.93 1.19 2.93
N CYS B 124 14.18 1.64 2.88
CA CYS B 124 14.55 2.91 3.49
C CYS B 124 15.89 3.39 2.94
N THR B 125 16.21 4.64 3.23
N THR B 125 16.22 4.64 3.25
CA THR B 125 17.41 5.26 2.69
CA THR B 125 17.45 5.28 2.78
C THR B 125 18.17 5.92 3.80
C THR B 125 18.41 5.52 3.97
N THR B 126 19.48 5.96 3.67
N THR B 126 19.70 5.24 3.75
CA THR B 126 20.28 6.56 4.69
CA THR B 126 20.77 5.55 4.72
C THR B 126 21.39 7.44 4.15
C THR B 126 21.66 6.72 4.24
N SER B 127 22.24 7.91 5.04
N SER B 127 22.38 7.32 5.18
CA SER B 127 23.25 8.87 4.68
CA SER B 127 23.13 8.54 4.88
C SER B 127 24.58 8.44 5.27
C SER B 127 24.58 8.39 5.31
N VAL B 128 25.40 7.82 4.43
CA VAL B 128 26.72 7.35 4.82
C VAL B 128 27.77 8.44 4.58
N LEU B 129 28.53 8.77 5.62
CA LEU B 129 29.58 9.76 5.50
CA LEU B 129 29.59 9.76 5.53
C LEU B 129 30.80 9.17 4.80
N VAL B 130 31.14 9.73 3.64
CA VAL B 130 32.28 9.25 2.87
C VAL B 130 33.57 10.00 3.25
N GLY B 131 33.48 11.33 3.31
CA GLY B 131 34.65 12.16 3.67
C GLY B 131 34.43 13.62 3.35
N LEU B 132 35.50 14.43 3.52
CA LEU B 132 35.45 15.86 3.17
C LEU B 132 35.24 16.05 1.68
N ALA B 133 34.37 16.98 1.31
CA ALA B 133 34.09 17.28 -0.10
C ALA B 133 35.30 17.96 -0.74
N GLU C 2 -32.19 -9.31 -8.93
CA GLU C 2 -31.03 -8.70 -9.64
C GLU C 2 -29.90 -9.71 -9.77
N VAL C 3 -29.03 -9.50 -10.75
CA VAL C 3 -27.86 -10.35 -10.94
C VAL C 3 -26.63 -9.48 -11.18
N LEU C 4 -25.56 -9.74 -10.43
CA LEU C 4 -24.29 -9.06 -10.63
C LEU C 4 -23.63 -9.54 -11.91
N THR C 5 -23.23 -8.59 -12.75
CA THR C 5 -22.53 -8.90 -13.97
C THR C 5 -21.18 -8.14 -14.05
N GLY C 6 -20.24 -8.77 -14.75
CA GLY C 6 -18.98 -8.13 -15.16
C GLY C 6 -18.95 -7.94 -16.66
N GLY C 7 -17.75 -7.69 -17.20
CA GLY C 7 -17.57 -7.54 -18.62
C GLY C 7 -17.92 -6.18 -19.18
N HIS C 8 -18.08 -5.17 -18.30
CA HIS C 8 -18.57 -3.86 -18.69
C HIS C 8 -17.45 -2.92 -19.11
N SER C 9 -17.78 -1.96 -19.96
CA SER C 9 -16.83 -0.95 -20.39
C SER C 9 -16.94 0.31 -19.56
N VAL C 10 -15.90 1.13 -19.61
CA VAL C 10 -15.92 2.39 -18.94
C VAL C 10 -17.13 3.22 -19.39
N SER C 11 -17.78 3.87 -18.43
CA SER C 11 -19.10 4.46 -18.63
C SER C 11 -19.11 5.83 -19.31
N ALA C 12 -17.95 6.49 -19.40
CA ALA C 12 -17.82 7.81 -20.04
C ALA C 12 -17.03 7.68 -21.31
N PRO C 13 -17.29 8.56 -22.29
CA PRO C 13 -16.53 8.47 -23.54
C PRO C 13 -15.06 8.73 -23.35
N GLN C 14 -14.23 8.18 -24.24
CA GLN C 14 -12.75 8.31 -24.13
C GLN C 14 -12.32 9.76 -24.00
N GLU C 15 -13.01 10.65 -24.72
CA GLU C 15 -12.64 12.07 -24.72
C GLU C 15 -12.79 12.74 -23.37
N ASN C 16 -13.52 12.09 -22.45
CA ASN C 16 -13.69 12.62 -21.08
C ASN C 16 -12.62 12.13 -20.13
N ARG C 17 -11.77 11.19 -20.55
CA ARG C 17 -10.96 10.40 -19.58
C ARG C 17 -9.56 10.99 -19.36
N ILE C 18 -9.14 10.93 -18.09
CA ILE C 18 -7.78 11.23 -17.70
C ILE C 18 -7.24 10.10 -16.82
N TYR C 19 -5.92 10.03 -16.73
CA TYR C 19 -5.20 8.94 -16.09
C TYR C 19 -4.26 9.50 -15.06
N VAL C 20 -4.53 9.21 -13.80
CA VAL C 20 -3.75 9.71 -12.69
C VAL C 20 -2.90 8.53 -12.21
N MET C 21 -1.58 8.64 -12.40
CA MET C 21 -0.69 7.56 -12.04
C MET C 21 -0.37 7.66 -10.56
N ASP C 22 -0.96 6.79 -9.74
CA ASP C 22 -0.75 6.83 -8.29
C ASP C 22 0.38 5.91 -7.90
N SER C 23 1.53 6.47 -7.53
N SER C 23 1.52 6.49 -7.54
CA SER C 23 2.66 5.67 -7.12
CA SER C 23 2.66 5.69 -7.11
C SER C 23 2.37 4.94 -5.81
N VAL C 24 1.47 5.50 -4.99
CA VAL C 24 1.24 4.94 -3.64
C VAL C 24 2.58 4.66 -2.96
N PHE C 25 3.42 5.70 -2.89
CA PHE C 25 4.80 5.52 -2.43
C PHE C 25 4.87 4.86 -1.03
N MET C 26 3.88 5.14 -0.17
CA MET C 26 3.82 4.50 1.16
C MET C 26 3.64 3.00 1.09
N HIS C 27 3.08 2.53 -0.03
CA HIS C 27 2.91 1.11 -0.31
C HIS C 27 3.18 0.84 -1.77
N LEU C 28 4.43 1.08 -2.18
CA LEU C 28 4.80 1.23 -3.58
C LEU C 28 4.61 -0.07 -4.39
N THR C 29 4.42 -1.21 -3.73
CA THR C 29 4.12 -2.44 -4.46
C THR C 29 2.66 -2.53 -4.94
N GLU C 30 1.82 -1.56 -4.55
CA GLU C 30 0.42 -1.53 -5.00
C GLU C 30 0.10 -0.20 -5.69
N SER C 31 1.05 0.29 -6.48
CA SER C 31 0.81 1.40 -7.37
C SER C 31 -0.31 1.08 -8.32
N ARG C 32 -0.94 2.13 -8.86
CA ARG C 32 -2.04 1.89 -9.80
C ARG C 32 -2.37 3.14 -10.57
N VAL C 33 -3.07 2.96 -11.70
CA VAL C 33 -3.60 4.08 -12.47
CA VAL C 33 -3.60 4.11 -12.44
C VAL C 33 -5.07 4.29 -12.13
N HIS C 34 -5.44 5.51 -11.71
CA HIS C 34 -6.84 5.85 -11.51
C HIS C 34 -7.37 6.58 -12.71
N VAL C 35 -8.52 6.13 -13.20
CA VAL C 35 -9.15 6.72 -14.39
C VAL C 35 -10.32 7.59 -13.94
N TYR C 36 -10.32 8.84 -14.38
CA TYR C 36 -11.33 9.81 -13.96
C TYR C 36 -11.94 10.45 -15.17
N ASP C 37 -13.17 10.95 -15.01
CA ASP C 37 -13.83 11.83 -15.99
C ASP C 37 -13.51 13.29 -15.57
N TYR C 38 -12.79 14.03 -16.41
CA TYR C 38 -12.37 15.39 -16.02
C TYR C 38 -13.51 16.38 -16.03
N THR C 39 -14.59 16.03 -16.74
CA THR C 39 -15.73 16.95 -16.87
C THR C 39 -16.57 17.02 -15.60
N ASN C 40 -16.55 15.97 -14.79
CA ASN C 40 -17.39 15.93 -13.59
C ASN C 40 -16.72 15.32 -12.35
N GLY C 41 -15.46 14.91 -12.49
CA GLY C 41 -14.72 14.31 -11.36
C GLY C 41 -15.06 12.88 -10.99
N LYS C 42 -15.83 12.21 -11.80
CA LYS C 42 -16.26 10.85 -11.49
C LYS C 42 -15.12 9.85 -11.69
N PHE C 43 -14.97 8.96 -10.72
CA PHE C 43 -14.05 7.83 -10.80
C PHE C 43 -14.60 6.77 -11.72
N LEU C 44 -13.83 6.39 -12.74
CA LEU C 44 -14.30 5.49 -13.79
C LEU C 44 -13.75 4.05 -13.72
N GLY C 45 -12.61 3.89 -13.08
CA GLY C 45 -11.98 2.59 -12.99
C GLY C 45 -10.53 2.73 -12.69
N MET C 46 -9.82 1.61 -12.71
CA MET C 46 -8.39 1.63 -12.41
C MET C 46 -7.66 0.45 -13.02
N VAL C 47 -6.33 0.58 -13.14
CA VAL C 47 -5.47 -0.50 -13.59
C VAL C 47 -4.38 -0.72 -12.56
N PRO C 48 -4.28 -1.95 -11.99
CA PRO C 48 -3.20 -2.25 -11.04
C PRO C 48 -1.85 -2.32 -11.73
N THR C 49 -0.81 -1.76 -11.10
CA THR C 49 0.52 -1.70 -11.72
C THR C 49 1.68 -2.08 -10.76
N ALA C 50 1.38 -2.86 -9.73
CA ALA C 50 2.40 -3.53 -8.94
C ALA C 50 3.46 -2.52 -8.42
N PHE C 51 4.75 -2.87 -8.50
CA PHE C 51 5.79 -2.01 -7.91
C PHE C 51 6.16 -0.85 -8.86
N ASN C 52 5.85 0.37 -8.44
CA ASN C 52 6.31 1.57 -9.15
C ASN C 52 5.97 1.50 -10.62
N GLY C 53 4.70 1.35 -10.91
CA GLY C 53 4.25 1.35 -12.28
C GLY C 53 4.43 2.68 -12.98
N HIS C 54 4.58 2.61 -14.30
CA HIS C 54 4.51 3.73 -15.21
C HIS C 54 3.39 3.46 -16.23
N VAL C 55 2.84 4.51 -16.84
CA VAL C 55 1.68 4.33 -17.70
C VAL C 55 1.68 5.30 -18.85
N GLN C 56 1.11 4.87 -19.98
CA GLN C 56 0.80 5.78 -21.07
C GLN C 56 -0.37 5.17 -21.85
N VAL C 57 -1.04 5.98 -22.62
CA VAL C 57 -2.12 5.50 -23.48
C VAL C 57 -1.63 5.46 -24.91
N SER C 58 -2.06 4.43 -25.66
CA SER C 58 -1.62 4.33 -27.04
C SER C 58 -2.08 5.57 -27.81
N ASN C 59 -1.27 6.01 -28.76
CA ASN C 59 -1.57 7.23 -29.50
C ASN C 59 -2.93 7.12 -30.23
N ASP C 60 -3.31 5.91 -30.63
CA ASP C 60 -4.62 5.70 -31.26
C ASP C 60 -5.79 5.58 -30.26
N GLY C 61 -5.50 5.64 -28.97
CA GLY C 61 -6.54 5.66 -27.95
C GLY C 61 -7.16 4.32 -27.56
N LYS C 62 -6.71 3.23 -28.18
CA LYS C 62 -7.38 1.93 -28.01
C LYS C 62 -6.86 1.13 -26.82
N LYS C 63 -5.59 1.35 -26.44
CA LYS C 63 -4.99 0.54 -25.40
C LYS C 63 -4.29 1.40 -24.37
N ILE C 64 -4.16 0.83 -23.18
CA ILE C 64 -3.29 1.40 -22.14
C ILE C 64 -2.03 0.53 -22.02
N TYR C 65 -0.86 1.18 -21.97
CA TYR C 65 0.37 0.48 -21.75
C TYR C 65 0.85 0.76 -20.33
N THR C 66 1.21 -0.29 -19.59
CA THR C 66 1.87 -0.13 -18.29
C THR C 66 3.26 -0.73 -18.34
N MET C 67 4.12 -0.28 -17.42
CA MET C 67 5.44 -0.84 -17.26
C MET C 67 5.63 -1.05 -15.76
N THR C 68 6.07 -2.24 -15.38
CA THR C 68 6.20 -2.56 -13.97
C THR C 68 7.21 -3.65 -13.72
N THR C 69 7.44 -3.96 -12.43
CA THR C 69 8.32 -5.04 -12.00
C THR C 69 7.58 -5.95 -11.06
N TYR C 70 7.67 -7.25 -11.33
CA TYR C 70 7.19 -8.29 -10.43
C TYR C 70 8.39 -9.09 -9.89
N HIS C 71 8.21 -9.72 -8.72
CA HIS C 71 9.06 -10.86 -8.31
C HIS C 71 8.19 -12.02 -7.88
N GLU C 72 8.74 -13.22 -7.98
CA GLU C 72 7.97 -14.45 -7.67
C GLU C 72 7.29 -14.39 -6.30
N ARG C 73 7.97 -13.80 -5.31
CA ARG C 73 7.40 -13.66 -3.97
C ARG C 73 7.49 -12.21 -3.46
N ILE C 74 7.38 -11.27 -4.41
CA ILE C 74 7.36 -9.80 -4.19
C ILE C 74 8.69 -9.26 -3.68
N THR C 75 9.08 -9.69 -2.47
CA THR C 75 10.32 -9.19 -1.83
C THR C 75 11.46 -10.20 -1.93
N ARG C 76 11.19 -11.32 -2.59
CA ARG C 76 12.23 -12.28 -2.93
C ARG C 76 11.79 -13.03 -4.19
N GLY C 77 12.70 -13.80 -4.75
CA GLY C 77 12.40 -14.58 -5.96
C GLY C 77 12.74 -13.84 -7.25
N LYS C 78 12.53 -14.52 -8.39
CA LYS C 78 12.98 -14.03 -9.69
C LYS C 78 12.23 -12.77 -10.09
N ARG C 79 12.99 -11.81 -10.64
CA ARG C 79 12.46 -10.53 -11.13
C ARG C 79 11.94 -10.68 -12.56
N SER C 80 10.78 -10.09 -12.83
CA SER C 80 10.25 -9.91 -14.18
C SER C 80 9.86 -8.46 -14.38
N ASP C 81 10.62 -7.76 -15.22
CA ASP C 81 10.23 -6.46 -15.70
C ASP C 81 9.41 -6.64 -16.97
N VAL C 82 8.31 -5.90 -17.08
CA VAL C 82 7.40 -6.08 -18.21
C VAL C 82 6.78 -4.78 -18.69
N VAL C 83 6.33 -4.81 -19.94
CA VAL C 83 5.28 -3.94 -20.40
C VAL C 83 4.01 -4.76 -20.49
N GLU C 84 2.89 -4.18 -20.09
CA GLU C 84 1.59 -4.82 -20.27
C GLU C 84 0.72 -3.98 -21.16
N VAL C 85 -0.02 -4.67 -22.03
CA VAL C 85 -1.03 -4.05 -22.87
C VAL C 85 -2.40 -4.38 -22.32
N TRP C 86 -3.18 -3.32 -22.06
CA TRP C 86 -4.54 -3.39 -21.50
C TRP C 86 -5.54 -2.76 -22.47
N ASP C 87 -6.73 -3.32 -22.55
CA ASP C 87 -7.77 -2.67 -23.31
C ASP C 87 -8.24 -1.39 -22.61
N ALA C 88 -8.29 -0.30 -23.35
CA ALA C 88 -8.64 0.99 -22.75
C ALA C 88 -10.10 1.08 -22.31
N ASP C 89 -10.99 0.38 -23.00
CA ASP C 89 -12.42 0.49 -22.68
C ASP C 89 -12.89 -0.54 -21.65
N LYS C 90 -12.33 -1.75 -21.69
CA LYS C 90 -12.71 -2.78 -20.72
CA LYS C 90 -12.69 -2.79 -20.72
C LYS C 90 -11.79 -2.77 -19.48
N LEU C 91 -10.66 -2.05 -19.58
CA LEU C 91 -9.66 -2.00 -18.49
C LEU C 91 -9.26 -3.42 -18.07
N THR C 92 -9.02 -4.26 -19.07
CA THR C 92 -8.60 -5.66 -18.88
C THR C 92 -7.20 -5.91 -19.43
N PHE C 93 -6.49 -6.82 -18.78
CA PHE C 93 -5.18 -7.24 -19.23
C PHE C 93 -5.27 -8.08 -20.50
N GLU C 94 -4.40 -7.78 -21.48
CA GLU C 94 -4.34 -8.56 -22.73
C GLU C 94 -3.04 -9.26 -22.98
N LYS C 95 -1.90 -8.58 -22.82
CA LYS C 95 -0.64 -9.24 -23.03
C LYS C 95 0.52 -8.65 -22.26
N GLU C 96 1.49 -9.52 -21.97
CA GLU C 96 2.72 -9.19 -21.28
C GLU C 96 3.88 -9.25 -22.26
N ILE C 97 4.72 -8.23 -22.22
CA ILE C 97 5.91 -8.17 -23.06
C ILE C 97 7.12 -8.16 -22.13
N SER C 98 8.00 -9.15 -22.30
CA SER C 98 9.14 -9.33 -21.41
C SER C 98 10.20 -8.29 -21.73
N LEU C 99 10.70 -7.63 -20.68
CA LEU C 99 11.84 -6.72 -20.80
C LEU C 99 13.04 -7.30 -20.08
N PRO C 100 14.26 -6.83 -20.43
CA PRO C 100 15.38 -7.17 -19.58
C PRO C 100 15.21 -6.51 -18.22
N PRO C 101 15.78 -7.11 -17.15
CA PRO C 101 15.56 -6.66 -15.77
C PRO C 101 16.30 -5.39 -15.38
N LYS C 102 16.01 -4.33 -16.11
CA LYS C 102 16.66 -3.04 -15.88
C LYS C 102 15.75 -1.85 -16.27
N ARG C 103 14.44 -2.07 -16.36
CA ARG C 103 13.58 -0.92 -16.66
C ARG C 103 13.69 0.10 -15.52
N VAL C 104 13.57 1.37 -15.85
CA VAL C 104 13.79 2.42 -14.85
C VAL C 104 12.78 2.27 -13.75
N GLN C 105 13.27 2.25 -12.51
CA GLN C 105 12.43 2.39 -11.35
C GLN C 105 12.68 3.77 -10.79
N GLY C 106 11.64 4.55 -10.73
CA GLY C 106 11.74 5.95 -10.35
C GLY C 106 10.42 6.69 -10.53
N LEU C 107 10.41 7.95 -10.14
CA LEU C 107 9.22 8.77 -10.19
C LEU C 107 8.75 9.00 -11.61
N ASN C 108 7.47 9.33 -11.73
CA ASN C 108 6.76 9.25 -13.02
C ASN C 108 6.87 10.49 -13.92
N TYR C 109 8.09 10.79 -14.34
CA TYR C 109 8.29 11.75 -15.39
C TYR C 109 7.82 11.17 -16.71
N ASP C 110 7.16 11.97 -17.53
CA ASP C 110 6.62 11.49 -18.82
C ASP C 110 7.70 10.79 -19.65
N GLY C 111 8.92 11.35 -19.64
CA GLY C 111 9.97 10.94 -20.57
C GLY C 111 10.61 9.59 -20.27
N LEU C 112 10.13 8.92 -19.23
CA LEU C 112 10.68 7.62 -18.90
C LEU C 112 9.97 6.49 -19.63
N PHE C 113 8.80 6.78 -20.21
CA PHE C 113 7.96 5.72 -20.80
C PHE C 113 7.10 6.41 -21.87
N ARG C 114 7.51 6.30 -23.13
CA ARG C 114 6.90 7.06 -24.24
C ARG C 114 6.69 6.13 -25.43
N GLN C 115 6.30 6.69 -26.56
CA GLN C 115 6.10 5.92 -27.79
C GLN C 115 6.47 6.78 -28.98
N THR C 116 6.73 6.14 -30.10
CA THR C 116 6.99 6.88 -31.32
C THR C 116 5.70 7.56 -31.79
N THR C 117 5.85 8.60 -32.58
CA THR C 117 4.69 9.33 -33.08
C THR C 117 3.71 8.40 -33.80
N ASP C 118 4.22 7.45 -34.58
CA ASP C 118 3.34 6.53 -35.32
C ASP C 118 2.70 5.45 -34.44
N GLY C 119 3.06 5.43 -33.16
CA GLY C 119 2.47 4.51 -32.20
C GLY C 119 2.93 3.06 -32.33
N LYS C 120 3.88 2.79 -33.23
CA LYS C 120 4.28 1.40 -33.49
C LYS C 120 5.33 0.87 -32.49
N PHE C 121 6.03 1.80 -31.83
CA PHE C 121 7.07 1.40 -30.86
C PHE C 121 6.93 2.12 -29.56
N ILE C 122 7.06 1.35 -28.48
CA ILE C 122 7.18 1.89 -27.14
C ILE C 122 8.66 2.14 -26.89
N VAL C 123 8.96 3.27 -26.28
CA VAL C 123 10.34 3.72 -26.10
C VAL C 123 10.49 4.06 -24.62
N LEU C 124 11.36 3.31 -23.92
CA LEU C 124 11.41 3.35 -22.46
C LEU C 124 12.86 3.50 -21.98
N GLN C 125 13.01 4.08 -20.79
CA GLN C 125 14.34 4.30 -20.20
C GLN C 125 14.74 3.10 -19.33
N ASN C 126 15.97 2.66 -19.52
CA ASN C 126 16.59 1.62 -18.68
C ASN C 126 17.65 2.24 -17.78
N ALA C 127 17.86 1.60 -16.65
CA ALA C 127 19.00 1.94 -15.76
C ALA C 127 19.42 0.72 -14.97
N SER C 128 20.68 0.32 -15.10
CA SER C 128 21.14 -0.93 -14.50
C SER C 128 22.26 -0.87 -13.42
N PRO C 129 22.80 0.32 -13.06
CA PRO C 129 22.43 1.69 -13.32
C PRO C 129 22.96 2.35 -14.61
N ALA C 130 23.76 1.63 -15.40
CA ALA C 130 24.12 2.13 -16.72
C ALA C 130 22.84 2.37 -17.49
N THR C 131 22.78 3.48 -18.23
CA THR C 131 21.55 3.86 -18.93
C THR C 131 21.58 3.44 -20.38
N SER C 132 20.41 3.05 -20.88
CA SER C 132 20.17 2.80 -22.29
C SER C 132 18.68 2.99 -22.54
N ILE C 133 18.29 3.07 -23.81
CA ILE C 133 16.87 3.18 -24.16
C ILE C 133 16.42 1.87 -24.79
N GLY C 134 15.30 1.35 -24.29
CA GLY C 134 14.72 0.12 -24.81
C GLY C 134 13.58 0.37 -25.75
N ILE C 135 13.49 -0.49 -26.78
CA ILE C 135 12.46 -0.37 -27.81
C ILE C 135 11.60 -1.62 -27.82
N VAL C 136 10.29 -1.42 -27.71
CA VAL C 136 9.34 -2.50 -27.77
C VAL C 136 8.49 -2.33 -29.04
N ASP C 137 8.44 -3.40 -29.84
CA ASP C 137 7.58 -3.49 -31.00
C ASP C 137 6.18 -3.93 -30.54
N VAL C 138 5.21 -3.03 -30.67
CA VAL C 138 3.88 -3.28 -30.13
C VAL C 138 3.20 -4.41 -30.90
N ALA C 139 3.27 -4.36 -32.22
CA ALA C 139 2.67 -5.40 -33.08
C ALA C 139 3.21 -6.79 -32.76
N LYS C 140 4.53 -6.90 -32.61
CA LYS C 140 5.17 -8.18 -32.36
C LYS C 140 5.09 -8.60 -30.90
N GLY C 141 4.89 -7.63 -30.01
CA GLY C 141 4.89 -7.90 -28.57
C GLY C 141 6.26 -8.28 -28.04
N ASP C 142 7.28 -7.62 -28.56
CA ASP C 142 8.66 -8.03 -28.34
C ASP C 142 9.54 -6.81 -28.06
N TYR C 143 10.50 -7.01 -27.15
CA TYR C 143 11.60 -6.07 -26.97
C TYR C 143 12.59 -6.32 -28.10
N VAL C 144 12.87 -5.28 -28.89
CA VAL C 144 13.58 -5.50 -30.17
C VAL C 144 14.91 -4.73 -30.35
N GLU C 145 15.21 -3.78 -29.44
CA GLU C 145 16.38 -2.95 -29.61
C GLU C 145 16.76 -2.37 -28.26
N ASP C 146 18.05 -2.25 -28.03
CA ASP C 146 18.58 -1.61 -26.85
C ASP C 146 19.58 -0.57 -27.32
N VAL C 147 19.23 0.69 -27.15
CA VAL C 147 20.03 1.79 -27.68
C VAL C 147 21.13 2.15 -26.68
N THR C 148 22.25 1.46 -26.77
CA THR C 148 23.37 1.73 -25.88
C THR C 148 24.08 3.04 -26.20
N ALA C 149 23.87 3.55 -27.42
CA ALA C 149 24.39 4.88 -27.81
C ALA C 149 23.92 5.98 -26.84
N ALA C 150 22.80 5.73 -26.16
CA ALA C 150 22.24 6.69 -25.24
C ALA C 150 22.83 6.58 -23.81
N ALA C 151 23.87 5.76 -23.63
CA ALA C 151 24.55 5.70 -22.33
C ALA C 151 24.95 7.10 -21.88
N GLY C 152 24.75 7.40 -20.60
CA GLY C 152 25.04 8.73 -20.07
C GLY C 152 24.00 9.81 -20.43
N CYS C 153 22.90 9.39 -21.05
CA CYS C 153 21.78 10.27 -21.35
C CYS C 153 20.57 9.87 -20.52
N TRP C 154 19.51 10.66 -20.61
CA TRP C 154 18.32 10.39 -19.79
C TRP C 154 17.06 10.98 -20.40
N SER C 155 16.05 10.11 -20.46
CA SER C 155 14.66 10.41 -20.88
C SER C 155 14.46 10.51 -22.39
N VAL C 156 13.21 10.40 -22.79
CA VAL C 156 12.80 10.23 -24.17
C VAL C 156 11.86 11.38 -24.53
N ILE C 157 12.23 12.18 -25.53
CA ILE C 157 11.38 13.24 -26.06
C ILE C 157 11.05 12.89 -27.52
N PRO C 158 9.84 12.36 -27.76
CA PRO C 158 9.46 12.05 -29.14
C PRO C 158 9.42 13.31 -30.02
N GLN C 159 9.79 13.15 -31.29
CA GLN C 159 9.59 14.22 -32.30
C GLN C 159 8.22 14.04 -32.97
N PRO C 160 7.27 14.96 -32.67
CA PRO C 160 5.95 14.83 -33.28
C PRO C 160 5.85 15.03 -34.79
N ASN C 161 6.93 15.49 -35.41
CA ASN C 161 6.95 15.69 -36.88
C ASN C 161 7.57 14.53 -37.67
N ARG C 162 7.99 13.47 -36.98
CA ARG C 162 8.54 12.27 -37.63
C ARG C 162 7.92 11.01 -37.01
N PRO C 163 7.82 9.94 -37.82
CA PRO C 163 7.09 8.75 -37.35
C PRO C 163 7.75 7.93 -36.25
N ARG C 164 9.08 7.89 -36.24
CA ARG C 164 9.80 7.01 -35.28
C ARG C 164 11.11 7.63 -34.83
N SER C 165 11.07 8.90 -34.49
CA SER C 165 12.27 9.63 -34.02
C SER C 165 12.05 10.19 -32.62
N PHE C 166 13.10 10.24 -31.84
CA PHE C 166 13.07 10.80 -30.50
C PHE C 166 14.44 11.31 -30.11
N MET C 167 14.46 12.16 -29.08
CA MET C 167 15.68 12.71 -28.56
C MET C 167 15.85 12.33 -27.11
N THR C 168 17.08 12.42 -26.65
CA THR C 168 17.36 12.26 -25.23
C THR C 168 18.40 13.28 -24.81
N ILE C 169 18.40 13.63 -23.53
CA ILE C 169 19.28 14.66 -22.99
C ILE C 169 20.53 14.01 -22.42
N CYS C 170 21.70 14.48 -22.84
CA CYS C 170 22.92 13.79 -22.50
C CYS C 170 23.82 14.61 -21.54
N GLY C 171 24.78 13.92 -20.96
CA GLY C 171 25.67 14.51 -19.95
C GLY C 171 26.60 15.58 -20.48
N ASP C 172 26.71 15.69 -21.81
CA ASP C 172 27.50 16.76 -22.43
C ASP C 172 26.71 18.05 -22.60
N GLY C 173 25.43 18.04 -22.22
CA GLY C 173 24.59 19.21 -22.33
C GLY C 173 23.95 19.35 -23.71
N GLY C 174 24.08 18.31 -24.53
CA GLY C 174 23.47 18.30 -25.82
C GLY C 174 22.40 17.22 -25.91
N LEU C 175 21.82 17.06 -27.09
CA LEU C 175 20.76 16.11 -27.34
C LEU C 175 21.22 15.05 -28.35
N LEU C 176 20.90 13.80 -28.06
CA LEU C 176 21.11 12.72 -28.99
C LEU C 176 19.75 12.39 -29.64
N THR C 177 19.70 12.40 -30.97
CA THR C 177 18.50 12.04 -31.72
C THR C 177 18.67 10.67 -32.32
N ILE C 178 17.64 9.84 -32.17
CA ILE C 178 17.60 8.48 -32.66
C ILE C 178 16.43 8.36 -33.62
N ASN C 179 16.70 7.85 -34.80
CA ASN C 179 15.67 7.58 -35.77
C ASN C 179 15.58 6.08 -35.96
N LEU C 180 14.43 5.50 -35.61
CA LEU C 180 14.25 4.05 -35.72
C LEU C 180 13.76 3.66 -37.08
N GLY C 181 14.23 2.54 -37.58
CA GLY C 181 13.67 1.96 -38.78
C GLY C 181 12.34 1.32 -38.51
N GLU C 182 11.74 0.80 -39.55
CA GLU C 182 10.42 0.22 -39.41
C GLU C 182 10.44 -1.11 -38.66
N ASP C 183 11.65 -1.65 -38.42
CA ASP C 183 11.84 -2.84 -37.59
C ASP C 183 12.14 -2.50 -36.11
N GLY C 184 12.18 -1.22 -35.78
CA GLY C 184 12.44 -0.79 -34.42
C GLY C 184 13.91 -0.74 -34.04
N LYS C 185 14.79 -1.10 -34.97
CA LYS C 185 16.23 -0.94 -34.75
C LYS C 185 16.69 0.45 -35.15
N VAL C 186 17.78 0.93 -34.54
CA VAL C 186 18.31 2.25 -34.88
C VAL C 186 18.66 2.32 -36.38
N ALA C 187 18.05 3.25 -37.10
CA ALA C 187 18.35 3.47 -38.53
C ALA C 187 19.39 4.58 -38.75
N SER C 188 19.37 5.59 -37.87
CA SER C 188 20.39 6.63 -37.85
C SER C 188 20.31 7.39 -36.56
N GLN C 189 21.30 8.23 -36.32
CA GLN C 189 21.37 9.00 -35.13
C GLN C 189 22.18 10.25 -35.39
N SER C 190 22.01 11.24 -34.55
CA SER C 190 22.81 12.47 -34.60
C SER C 190 22.92 13.10 -33.23
N ARG C 191 23.95 13.92 -33.04
CA ARG C 191 24.16 14.64 -31.79
C ARG C 191 24.17 16.12 -32.06
N SER C 192 23.45 16.89 -31.24
CA SER C 192 23.43 18.35 -31.37
C SER C 192 24.72 18.92 -30.82
N LYS C 193 24.94 20.20 -31.10
CA LYS C 193 25.90 20.99 -30.35
C LYS C 193 25.43 21.13 -28.90
N GLN C 194 26.31 21.59 -28.02
CA GLN C 194 25.94 21.78 -26.63
C GLN C 194 24.83 22.81 -26.52
N MET C 195 23.76 22.46 -25.81
CA MET C 195 22.61 23.36 -25.62
C MET C 195 22.75 24.15 -24.33
N PHE C 196 23.08 23.46 -23.25
CA PHE C 196 23.15 24.10 -21.92
C PHE C 196 24.39 23.62 -21.19
N SER C 197 24.85 24.44 -20.25
CA SER C 197 25.94 24.04 -19.38
C SER C 197 25.41 23.18 -18.24
N VAL C 198 25.85 21.94 -18.20
CA VAL C 198 25.36 21.00 -17.19
C VAL C 198 25.68 21.49 -15.79
N LYS C 199 26.88 22.04 -15.60
CA LYS C 199 27.26 22.47 -14.26
C LYS C 199 26.66 23.82 -13.87
N ASP C 200 26.53 24.72 -14.83
CA ASP C 200 26.20 26.12 -14.51
C ASP C 200 24.73 26.48 -14.66
N ASP C 201 24.01 25.74 -15.50
CA ASP C 201 22.60 26.07 -15.76
C ASP C 201 21.83 24.79 -16.16
N PRO C 202 21.75 23.81 -15.24
CA PRO C 202 21.08 22.54 -15.57
C PRO C 202 19.64 22.76 -15.89
N ILE C 203 19.15 22.04 -16.89
CA ILE C 203 17.74 22.10 -17.23
C ILE C 203 16.94 21.00 -16.54
N PHE C 204 15.66 21.30 -16.31
CA PHE C 204 14.66 20.27 -16.04
C PHE C 204 14.46 19.40 -17.29
N ILE C 205 14.26 18.10 -17.10
CA ILE C 205 14.12 17.21 -18.23
C ILE C 205 12.80 17.34 -18.98
N ALA C 206 11.75 17.85 -18.30
CA ALA C 206 10.39 17.91 -18.89
C ALA C 206 10.35 18.90 -20.06
N PRO C 207 10.02 18.41 -21.29
CA PRO C 207 9.92 19.32 -22.43
C PRO C 207 8.59 20.06 -22.49
N ALA C 208 8.64 21.28 -23.00
CA ALA C 208 7.44 21.95 -23.52
C ALA C 208 7.48 21.71 -25.02
N LEU C 209 6.68 20.74 -25.47
CA LEU C 209 6.93 20.11 -26.73
C LEU C 209 5.99 20.63 -27.80
N ASP C 210 6.58 21.17 -28.86
CA ASP C 210 5.82 21.60 -30.04
C ASP C 210 5.96 20.53 -31.14
N LYS C 211 5.33 20.77 -32.29
CA LYS C 211 5.37 19.82 -33.37
C LYS C 211 6.78 19.61 -33.91
N ASP C 212 7.58 20.69 -33.96
CA ASP C 212 8.90 20.67 -34.60
C ASP C 212 9.99 21.30 -33.74
N LYS C 213 9.68 21.59 -32.48
CA LYS C 213 10.67 22.11 -31.54
C LYS C 213 10.26 21.80 -30.13
N ALA C 214 11.22 21.89 -29.21
CA ALA C 214 10.99 21.67 -27.79
C ALA C 214 11.70 22.73 -27.00
N HIS C 215 11.07 23.18 -25.92
CA HIS C 215 11.70 24.12 -24.98
C HIS C 215 11.90 23.47 -23.63
N PHE C 216 12.95 23.89 -22.95
CA PHE C 216 13.30 23.38 -21.64
C PHE C 216 13.57 24.57 -20.73
N VAL C 217 13.16 24.47 -19.48
CA VAL C 217 13.50 25.51 -18.48
C VAL C 217 14.61 25.01 -17.55
N SER C 218 15.34 25.96 -16.97
CA SER C 218 16.52 25.63 -16.15
C SER C 218 16.28 25.90 -14.66
N TYR C 219 17.17 25.36 -13.83
CA TYR C 219 17.10 25.57 -12.39
C TYR C 219 17.07 27.04 -12.02
N TYR C 220 17.62 27.91 -12.88
CA TYR C 220 17.74 29.33 -12.58
C TYR C 220 16.78 30.20 -13.37
N GLY C 221 15.81 29.55 -14.04
CA GLY C 221 14.77 30.27 -14.75
C GLY C 221 15.09 30.70 -16.17
N ASN C 222 16.02 30.02 -16.80
CA ASN C 222 16.31 30.28 -18.23
C ASN C 222 15.60 29.28 -19.10
N VAL C 223 15.52 29.57 -20.38
CA VAL C 223 14.84 28.73 -21.36
C VAL C 223 15.78 28.38 -22.49
N TYR C 224 15.85 27.10 -22.83
CA TYR C 224 16.63 26.60 -23.95
C TYR C 224 15.69 25.94 -24.95
N SER C 225 16.03 26.00 -26.23
CA SER C 225 15.19 25.44 -27.27
CA SER C 225 15.18 25.43 -27.27
C SER C 225 15.96 24.52 -28.22
N ALA C 226 15.27 23.50 -28.73
CA ALA C 226 15.81 22.57 -29.66
C ALA C 226 14.85 22.53 -30.85
N ASP C 227 15.35 22.92 -32.02
CA ASP C 227 14.56 22.96 -33.23
C ASP C 227 14.87 21.75 -34.07
N PHE C 228 13.87 20.89 -34.30
CA PHE C 228 14.07 19.67 -35.08
C PHE C 228 13.21 19.64 -36.35
N SER C 229 12.98 20.83 -36.91
CA SER C 229 12.38 20.93 -38.24
C SER C 229 13.25 20.21 -39.30
N GLY C 230 14.56 20.21 -39.10
CA GLY C 230 15.49 19.46 -39.96
C GLY C 230 16.03 18.21 -39.29
N ASP C 231 16.86 17.46 -40.03
CA ASP C 231 17.40 16.20 -39.55
C ASP C 231 18.40 16.45 -38.43
N GLU C 232 19.15 17.53 -38.57
CA GLU C 232 20.03 17.99 -37.53
C GLU C 232 19.29 18.95 -36.62
N VAL C 233 19.34 18.67 -35.33
CA VAL C 233 18.71 19.51 -34.33
C VAL C 233 19.58 20.73 -34.07
N LYS C 234 18.95 21.91 -34.10
CA LYS C 234 19.61 23.17 -33.83
C LYS C 234 19.19 23.66 -32.47
N VAL C 235 20.16 24.04 -31.65
CA VAL C 235 19.89 24.40 -30.26
C VAL C 235 20.21 25.87 -30.01
N ASP C 236 19.50 26.46 -29.05
CA ASP C 236 19.75 27.83 -28.69
C ASP C 236 19.29 28.14 -27.25
N GLY C 237 19.56 29.37 -26.82
CA GLY C 237 19.29 29.80 -25.46
C GLY C 237 20.60 30.01 -24.72
N PRO C 238 20.52 30.61 -23.53
CA PRO C 238 19.33 30.94 -22.76
C PRO C 238 18.63 32.26 -23.16
N TRP C 239 17.29 32.29 -23.04
CA TRP C 239 16.61 33.51 -22.63
C TRP C 239 15.99 33.34 -21.25
N SER C 240 15.85 34.43 -20.51
CA SER C 240 15.35 34.36 -19.14
C SER C 240 13.84 34.50 -19.06
N LEU C 241 13.22 33.65 -18.22
CA LEU C 241 11.81 33.79 -17.85
C LEU C 241 11.55 35.04 -17.02
N LEU C 242 12.62 35.66 -16.52
CA LEU C 242 12.52 36.62 -15.45
C LEU C 242 12.77 38.03 -15.97
N ASN C 243 11.98 38.99 -15.48
CA ASN C 243 12.34 40.41 -15.58
C ASN C 243 13.05 40.85 -14.29
N ASP C 244 13.43 42.13 -14.19
CA ASP C 244 14.25 42.59 -13.05
C ASP C 244 13.52 42.45 -11.69
N GLU C 245 12.21 42.69 -11.69
CA GLU C 245 11.40 42.56 -10.48
C GLU C 245 11.34 41.09 -10.04
N ASP C 246 11.17 40.20 -11.00
CA ASP C 246 11.16 38.76 -10.72
C ASP C 246 12.46 38.33 -10.06
N LYS C 247 13.58 38.84 -10.59
CA LYS C 247 14.90 38.50 -10.07
C LYS C 247 15.09 38.96 -8.64
N ALA C 248 14.57 40.13 -8.31
CA ALA C 248 14.71 40.68 -6.95
C ALA C 248 14.09 39.76 -5.89
N LYS C 249 13.06 39.01 -6.25
CA LYS C 249 12.39 38.09 -5.31
C LYS C 249 12.82 36.62 -5.56
N ASN C 250 13.84 36.43 -6.40
CA ASN C 250 14.45 35.09 -6.60
C ASN C 250 13.46 34.02 -7.12
N TRP C 251 12.56 34.44 -8.01
CA TRP C 251 11.64 33.50 -8.66
C TRP C 251 12.41 32.50 -9.54
N VAL C 252 12.10 31.21 -9.39
CA VAL C 252 12.68 30.16 -10.22
C VAL C 252 11.61 29.09 -10.44
N PRO C 253 11.82 28.24 -11.46
CA PRO C 253 10.88 27.12 -11.65
C PRO C 253 11.00 26.05 -10.58
N GLY C 254 9.92 25.29 -10.37
CA GLY C 254 10.00 24.11 -9.54
C GLY C 254 8.89 23.14 -9.83
N GLY C 255 9.21 21.87 -9.70
CA GLY C 255 8.22 20.80 -9.83
C GLY C 255 8.82 19.59 -10.52
N TYR C 256 7.96 18.75 -11.10
CA TYR C 256 8.40 17.51 -11.73
C TYR C 256 8.08 17.55 -13.22
N ASN C 257 6.86 17.17 -13.61
CA ASN C 257 6.37 17.40 -14.98
C ASN C 257 5.89 18.86 -15.04
N LEU C 258 6.83 19.80 -15.04
CA LEU C 258 6.54 21.14 -14.57
C LEU C 258 6.23 22.19 -15.67
N VAL C 259 6.31 21.79 -16.95
CA VAL C 259 6.02 22.69 -18.06
C VAL C 259 5.01 22.08 -19.06
N GLY C 260 4.48 22.94 -19.91
CA GLY C 260 3.57 22.53 -20.96
C GLY C 260 3.55 23.57 -22.05
N LEU C 261 3.12 23.16 -23.24
CA LEU C 261 3.03 24.07 -24.38
C LEU C 261 1.67 23.98 -25.00
N HIS C 262 1.05 25.11 -25.23
CA HIS C 262 -0.15 25.19 -26.07
C HIS C 262 0.30 25.48 -27.49
N ARG C 263 0.21 24.48 -28.38
CA ARG C 263 0.87 24.56 -29.66
C ARG C 263 0.29 25.65 -30.57
N ALA C 264 -1.02 25.86 -30.52
CA ALA C 264 -1.65 26.81 -31.44
C ALA C 264 -1.21 28.24 -31.20
N SER C 265 -0.91 28.58 -29.94
CA SER C 265 -0.52 29.96 -29.55
C SER C 265 0.95 30.12 -29.29
N GLY C 266 1.64 29.02 -29.00
CA GLY C 266 3.03 29.08 -28.55
C GLY C 266 3.18 29.46 -27.09
N ARG C 267 2.09 29.49 -26.35
CA ARG C 267 2.16 29.77 -24.90
C ARG C 267 2.80 28.61 -24.18
N MET C 268 3.78 28.91 -23.34
CA MET C 268 4.38 27.90 -22.47
C MET C 268 4.01 28.18 -21.02
N TYR C 269 3.66 27.11 -20.32
CA TYR C 269 3.19 27.16 -18.94
C TYR C 269 4.28 26.59 -18.06
N VAL C 270 4.56 27.27 -16.93
CA VAL C 270 5.67 26.89 -16.03
CA VAL C 270 5.62 26.82 -16.04
C VAL C 270 5.31 27.12 -14.58
N PHE C 271 5.54 26.12 -13.73
CA PHE C 271 5.39 26.28 -12.29
C PHE C 271 6.56 27.02 -11.73
N MET C 272 6.27 28.07 -10.97
CA MET C 272 7.31 28.96 -10.42
C MET C 272 7.10 29.18 -8.92
N HIS C 273 8.19 29.47 -8.19
CA HIS C 273 8.08 29.89 -6.81
C HIS C 273 9.14 30.96 -6.50
N PRO C 274 8.84 31.82 -5.53
CA PRO C 274 9.82 32.82 -5.04
C PRO C 274 10.86 32.22 -4.10
N ASP C 275 11.85 33.03 -3.75
CA ASP C 275 12.90 32.65 -2.77
C ASP C 275 13.64 31.39 -3.20
N GLY C 276 13.90 31.31 -4.50
CA GLY C 276 14.68 30.23 -5.06
C GLY C 276 16.08 30.21 -4.50
N LYS C 277 16.59 29.02 -4.26
CA LYS C 277 17.99 28.81 -3.90
C LYS C 277 18.30 27.36 -4.12
N GLU C 278 19.56 26.99 -3.94
CA GLU C 278 19.98 25.59 -4.10
C GLU C 278 19.05 24.72 -3.26
N GLY C 279 18.41 23.73 -3.92
CA GLY C 279 17.63 22.75 -3.20
C GLY C 279 16.11 22.94 -3.35
N THR C 280 15.67 23.97 -4.10
CA THR C 280 14.23 24.27 -4.21
C THR C 280 13.60 23.89 -5.55
N HIS C 281 14.31 23.12 -6.35
CA HIS C 281 13.87 22.84 -7.72
C HIS C 281 12.65 21.92 -7.82
N LYS C 282 12.27 21.26 -6.72
CA LYS C 282 11.03 20.43 -6.69
C LYS C 282 9.95 21.01 -5.77
N PHE C 283 10.08 22.29 -5.41
CA PHE C 283 9.08 22.95 -4.60
C PHE C 283 7.77 23.10 -5.36
N PRO C 284 6.64 22.96 -4.66
CA PRO C 284 5.33 23.24 -5.24
C PRO C 284 5.22 24.66 -5.82
N ALA C 285 4.37 24.81 -6.82
CA ALA C 285 4.15 26.09 -7.47
C ALA C 285 3.46 27.06 -6.54
N ALA C 286 4.07 28.23 -6.34
CA ALA C 286 3.33 29.39 -5.86
C ALA C 286 2.45 30.00 -7.00
N GLU C 287 2.96 29.95 -8.22
CA GLU C 287 2.26 30.49 -9.38
C GLU C 287 2.48 29.63 -10.62
N ILE C 288 1.54 29.74 -11.56
CA ILE C 288 1.79 29.32 -12.93
C ILE C 288 2.06 30.55 -13.75
N TRP C 289 3.19 30.58 -14.45
CA TRP C 289 3.48 31.65 -15.40
C TRP C 289 3.14 31.18 -16.81
N VAL C 290 2.60 32.11 -17.59
CA VAL C 290 2.23 31.88 -18.98
C VAL C 290 3.15 32.76 -19.83
N MET C 291 4.00 32.12 -20.62
CA MET C 291 5.05 32.79 -21.39
C MET C 291 4.71 32.75 -22.87
N ASP C 292 4.92 33.85 -23.56
CA ASP C 292 4.82 33.86 -25.02
C ASP C 292 6.21 33.50 -25.54
N THR C 293 6.32 32.31 -26.17
CA THR C 293 7.64 31.80 -26.60
C THR C 293 8.15 32.51 -27.85
N LYS C 294 7.28 33.23 -28.54
CA LYS C 294 7.71 34.03 -29.71
C LYS C 294 8.37 35.34 -29.24
N THR C 295 7.71 36.07 -28.33
CA THR C 295 8.21 37.35 -27.87
C THR C 295 9.21 37.19 -26.70
N LYS C 296 9.22 35.97 -26.11
CA LYS C 296 10.08 35.66 -24.97
C LYS C 296 9.78 36.56 -23.74
N GLN C 297 8.49 36.80 -23.51
CA GLN C 297 8.00 37.61 -22.40
C GLN C 297 6.81 36.92 -21.74
N ARG C 298 6.68 37.09 -20.43
CA ARG C 298 5.49 36.63 -19.70
C ARG C 298 4.27 37.44 -20.11
N VAL C 299 3.14 36.75 -20.24
CA VAL C 299 1.88 37.42 -20.53
C VAL C 299 0.88 37.37 -19.39
N ALA C 300 0.95 36.33 -18.54
CA ALA C 300 0.06 36.18 -17.42
C ALA C 300 0.68 35.36 -16.30
N ARG C 301 0.11 35.51 -15.12
CA ARG C 301 0.50 34.70 -13.97
C ARG C 301 -0.72 34.46 -13.09
N ILE C 302 -0.84 33.24 -12.58
CA ILE C 302 -1.99 32.89 -11.73
C ILE C 302 -1.54 32.03 -10.54
N PRO C 303 -2.39 31.94 -9.50
CA PRO C 303 -2.04 31.07 -8.36
C PRO C 303 -1.74 29.64 -8.75
N GLY C 304 -0.73 29.04 -8.10
CA GLY C 304 -0.26 27.70 -8.46
C GLY C 304 -0.96 26.53 -7.78
N ARG C 305 -1.67 26.81 -6.68
CA ARG C 305 -2.40 25.78 -5.92
C ARG C 305 -1.47 24.61 -5.50
N ASP C 306 -0.20 24.94 -5.22
CA ASP C 306 0.82 23.99 -4.80
C ASP C 306 1.02 22.83 -5.76
N ALA C 307 0.73 23.06 -7.02
CA ALA C 307 0.90 22.03 -8.04
C ALA C 307 2.36 21.69 -8.29
N LEU C 308 2.58 20.44 -8.71
CA LEU C 308 3.90 19.91 -8.97
C LEU C 308 4.08 19.41 -10.40
N SER C 309 2.97 18.94 -10.99
CA SER C 309 2.99 18.40 -12.33
C SER C 309 1.77 18.86 -13.11
N MET C 310 1.90 18.89 -14.44
CA MET C 310 0.80 19.31 -15.33
C MET C 310 0.79 18.48 -16.58
N THR C 311 -0.26 18.66 -17.37
CA THR C 311 -0.30 18.19 -18.74
C THR C 311 -1.31 19.03 -19.52
N ILE C 312 -1.16 19.02 -20.84
CA ILE C 312 -1.99 19.86 -21.74
C ILE C 312 -2.74 18.99 -22.72
N ASP C 313 -4.00 19.34 -22.96
CA ASP C 313 -4.75 18.80 -24.10
C ASP C 313 -4.90 19.90 -25.13
N GLN C 314 -4.35 19.66 -26.30
CA GLN C 314 -4.35 20.68 -27.35
C GLN C 314 -5.76 20.93 -27.90
N GLN C 315 -6.49 19.88 -28.20
CA GLN C 315 -7.70 20.08 -29.01
C GLN C 315 -8.87 20.63 -28.25
N ARG C 316 -8.89 20.45 -26.92
CA ARG C 316 -9.92 21.03 -26.08
C ARG C 316 -9.37 22.24 -25.28
N ASN C 317 -8.11 22.59 -25.51
CA ASN C 317 -7.51 23.75 -24.87
C ASN C 317 -7.63 23.69 -23.36
N LEU C 318 -7.08 22.61 -22.80
CA LEU C 318 -7.12 22.36 -21.35
C LEU C 318 -5.72 22.14 -20.80
N MET C 319 -5.54 22.52 -19.54
CA MET C 319 -4.38 22.17 -18.75
C MET C 319 -4.87 21.51 -17.47
N LEU C 320 -4.28 20.37 -17.10
CA LEU C 320 -4.48 19.79 -15.76
C LEU C 320 -3.27 20.08 -14.94
N THR C 321 -3.47 20.37 -13.65
CA THR C 321 -2.35 20.42 -12.72
C THR C 321 -2.63 19.48 -11.53
N LEU C 322 -1.58 19.14 -10.81
CA LEU C 322 -1.63 18.04 -9.86
C LEU C 322 -0.67 18.34 -8.73
N ASP C 323 -1.17 18.28 -7.50
CA ASP C 323 -0.36 18.64 -6.31
C ASP C 323 0.14 17.41 -5.53
N GLY C 324 -0.06 16.22 -6.09
CA GLY C 324 0.19 14.95 -5.40
C GLY C 324 -1.05 14.15 -5.08
N GLY C 325 -2.15 14.86 -4.85
CA GLY C 325 -3.42 14.23 -4.46
C GLY C 325 -4.62 14.71 -5.22
N ASN C 326 -4.60 15.98 -5.62
CA ASN C 326 -5.74 16.62 -6.25
C ASN C 326 -5.40 17.08 -7.64
N VAL C 327 -6.37 17.00 -8.54
CA VAL C 327 -6.22 17.43 -9.94
C VAL C 327 -7.09 18.66 -10.22
N ASN C 328 -6.47 19.71 -10.73
CA ASN C 328 -7.15 20.93 -11.11
C ASN C 328 -7.30 20.97 -12.61
N VAL C 329 -8.51 21.34 -13.08
CA VAL C 329 -8.81 21.43 -14.51
C VAL C 329 -8.93 22.89 -14.93
N TYR C 330 -8.10 23.31 -15.88
CA TYR C 330 -8.10 24.69 -16.39
C TYR C 330 -8.44 24.76 -17.87
N ASP C 331 -9.26 25.76 -18.21
CA ASP C 331 -9.46 26.17 -19.59
C ASP C 331 -8.33 27.15 -20.01
N ILE C 332 -7.55 26.78 -21.02
CA ILE C 332 -6.49 27.63 -21.54
C ILE C 332 -6.73 28.14 -22.98
N SER C 333 -8.00 28.26 -23.36
CA SER C 333 -8.34 28.78 -24.70
C SER C 333 -7.98 30.26 -24.87
N GLN C 334 -7.83 30.98 -23.76
CA GLN C 334 -7.37 32.37 -23.76
CA GLN C 334 -7.35 32.36 -23.77
C GLN C 334 -6.08 32.45 -22.94
N PRO C 335 -5.31 33.55 -23.11
CA PRO C 335 -4.02 33.64 -22.38
C PRO C 335 -4.04 33.43 -20.86
N GLU C 336 -5.08 33.92 -20.16
CA GLU C 336 -5.23 33.67 -18.70
C GLU C 336 -5.98 32.36 -18.48
N PRO C 337 -5.35 31.35 -17.85
CA PRO C 337 -6.11 30.12 -17.56
C PRO C 337 -7.26 30.37 -16.63
N LYS C 338 -8.36 29.62 -16.82
CA LYS C 338 -9.52 29.70 -15.97
C LYS C 338 -9.76 28.33 -15.29
N LEU C 339 -9.81 28.33 -13.95
CA LEU C 339 -10.02 27.14 -13.16
C LEU C 339 -11.45 26.68 -13.26
N LEU C 340 -11.65 25.46 -13.76
CA LEU C 340 -13.00 24.92 -13.97
C LEU C 340 -13.47 24.09 -12.79
N ARG C 341 -12.59 23.24 -12.27
CA ARG C 341 -12.92 22.41 -11.12
C ARG C 341 -11.68 21.75 -10.56
N THR C 342 -11.81 21.22 -9.36
CA THR C 342 -10.76 20.45 -8.71
C THR C 342 -11.33 19.08 -8.33
N ILE C 343 -10.58 18.04 -8.65
CA ILE C 343 -10.92 16.67 -8.33
C ILE C 343 -10.12 16.30 -7.08
N GLU C 344 -10.78 16.23 -5.93
CA GLU C 344 -10.08 16.01 -4.67
C GLU C 344 -9.86 14.52 -4.46
N GLY C 345 -8.67 14.16 -3.96
CA GLY C 345 -8.36 12.79 -3.62
C GLY C 345 -8.31 11.84 -4.82
N ALA C 346 -7.82 12.35 -5.95
CA ALA C 346 -7.65 11.54 -7.16
C ALA C 346 -6.51 10.52 -6.99
N ALA C 347 -5.61 10.77 -6.04
CA ALA C 347 -4.47 9.86 -5.75
C ALA C 347 -3.96 10.12 -4.35
N GLU C 348 -3.20 9.17 -3.83
CA GLU C 348 -2.43 9.40 -2.60
C GLU C 348 -1.03 10.02 -2.85
N ALA C 349 -0.35 9.57 -3.92
CA ALA C 349 0.99 10.06 -4.23
C ALA C 349 1.22 9.99 -5.73
N SER C 350 0.65 10.94 -6.45
CA SER C 350 0.83 11.02 -7.89
C SER C 350 1.61 12.24 -8.31
N LEU C 351 2.56 12.04 -9.23
CA LEU C 351 3.26 13.14 -9.88
C LEU C 351 3.05 13.15 -11.38
N GLN C 352 2.02 12.44 -11.85
CA GLN C 352 1.75 12.40 -13.29
C GLN C 352 0.26 12.18 -13.61
N VAL C 353 -0.29 13.09 -14.42
CA VAL C 353 -1.64 12.93 -14.96
C VAL C 353 -1.56 13.10 -16.50
N GLN C 354 -2.41 12.37 -17.22
CA GLN C 354 -2.41 12.38 -18.67
C GLN C 354 -3.83 12.31 -19.20
N PHE C 355 -4.09 13.01 -20.30
CA PHE C 355 -5.37 12.87 -21.01
C PHE C 355 -5.41 11.63 -21.88
N HIS C 356 -6.59 11.04 -22.01
CA HIS C 356 -6.82 10.09 -23.12
C HIS C 356 -6.57 10.84 -24.42
N PRO C 357 -5.75 10.27 -25.32
CA PRO C 357 -5.53 10.89 -26.63
C PRO C 357 -6.80 10.92 -27.46
N VAL C 358 -7.01 12.02 -28.19
CA VAL C 358 -8.13 12.09 -29.14
C VAL C 358 -7.65 12.37 -30.59
N GLY C 359 -6.38 12.78 -30.74
CA GLY C 359 -5.82 13.20 -32.05
C GLY C 359 -5.47 12.08 -33.04
N GLY C 360 -5.51 10.82 -32.60
CA GLY C 360 -5.20 9.67 -33.48
C GLY C 360 -3.74 9.63 -33.94
N THR C 361 -3.43 8.76 -34.89
CA THR C 361 -2.10 8.69 -35.50
C THR C 361 -2.16 8.98 -37.01
N ARG D 1 35.15 6.67 5.35
CA ARG D 1 34.67 6.76 6.73
CA ARG D 1 34.79 6.77 6.82
C ARG D 1 33.78 5.73 7.37
N GLU D 2 32.58 5.65 6.80
CA GLU D 2 31.56 4.77 7.28
C GLU D 2 31.20 3.79 6.18
N VAL D 3 30.62 2.66 6.57
CA VAL D 3 30.19 1.65 5.62
C VAL D 3 28.83 1.09 6.05
N LEU D 4 27.90 1.02 5.11
CA LEU D 4 26.58 0.52 5.39
C LEU D 4 26.61 -0.99 5.48
N THR D 5 26.10 -1.54 6.57
CA THR D 5 26.06 -2.99 6.75
C THR D 5 24.65 -3.51 7.04
N GLY D 6 24.41 -4.75 6.63
CA GLY D 6 23.20 -5.48 6.98
C GLY D 6 23.53 -6.65 7.88
N GLY D 7 22.57 -7.55 8.04
CA GLY D 7 22.81 -8.77 8.80
C GLY D 7 22.58 -8.62 10.28
N HIS D 8 21.98 -7.51 10.69
CA HIS D 8 21.88 -7.17 12.10
C HIS D 8 20.64 -7.74 12.72
N SER D 9 20.70 -8.03 14.02
CA SER D 9 19.55 -8.46 14.77
C SER D 9 18.73 -7.28 15.32
N VAL D 10 17.49 -7.56 15.68
CA VAL D 10 16.65 -6.58 16.33
C VAL D 10 17.34 -6.01 17.59
N SER D 11 17.27 -4.69 17.76
CA SER D 11 18.07 -3.95 18.76
C SER D 11 17.65 -4.16 20.21
N ALA D 12 16.38 -4.45 20.44
CA ALA D 12 15.84 -4.65 21.78
C ALA D 12 15.62 -6.11 22.03
N PRO D 13 15.71 -6.53 23.28
CA PRO D 13 15.60 -7.97 23.55
C PRO D 13 14.18 -8.48 23.34
N GLN D 14 14.04 -9.80 23.17
CA GLN D 14 12.74 -10.40 22.85
C GLN D 14 11.64 -9.99 23.82
N GLU D 15 11.99 -9.93 25.12
CA GLU D 15 10.99 -9.63 26.15
C GLU D 15 10.38 -8.21 26.04
N ASN D 16 10.99 -7.35 25.21
CA ASN D 16 10.47 -6.00 24.99
C ASN D 16 9.52 -5.92 23.77
N ARG D 17 9.41 -6.99 23.00
CA ARG D 17 8.83 -6.92 21.65
C ARG D 17 7.35 -7.28 21.59
N ILE D 18 6.64 -6.54 20.74
CA ILE D 18 5.30 -6.84 20.36
C ILE D 18 5.18 -6.81 18.84
N TYR D 19 4.12 -7.45 18.34
CA TYR D 19 3.87 -7.62 16.88
C TYR D 19 2.49 -7.10 16.54
N VAL D 20 2.46 -6.02 15.75
CA VAL D 20 1.24 -5.38 15.33
C VAL D 20 0.99 -5.80 13.89
N MET D 21 -0.07 -6.54 13.66
CA MET D 21 -0.36 -7.06 12.36
C MET D 21 -1.13 -6.03 11.57
N ASP D 22 -0.45 -5.37 10.63
CA ASP D 22 -1.07 -4.30 9.89
C ASP D 22 -1.66 -4.83 8.59
N SER D 23 -2.99 -4.92 8.52
CA SER D 23 -3.63 -5.42 7.31
CA SER D 23 -3.64 -5.43 7.33
C SER D 23 -3.44 -4.46 6.13
C SER D 23 -3.44 -4.48 6.13
N VAL D 24 -3.23 -3.19 6.42
CA VAL D 24 -3.19 -2.17 5.35
C VAL D 24 -4.32 -2.39 4.36
N PHE D 25 -5.54 -2.43 4.89
CA PHE D 25 -6.73 -2.77 4.08
C PHE D 25 -6.84 -1.90 2.82
N MET D 26 -6.46 -0.62 2.91
CA MET D 26 -6.49 0.27 1.73
C MET D 26 -5.56 -0.18 0.62
N HIS D 27 -4.54 -0.96 0.99
CA HIS D 27 -3.58 -1.57 0.06
C HIS D 27 -3.21 -2.97 0.53
N LEU D 28 -4.23 -3.83 0.53
CA LEU D 28 -4.18 -5.09 1.27
C LEU D 28 -3.16 -6.08 0.73
N THR D 29 -2.65 -5.85 -0.49
CA THR D 29 -1.57 -6.67 -1.03
C THR D 29 -0.18 -6.35 -0.44
N GLU D 30 -0.12 -5.31 0.42
CA GLU D 30 1.15 -4.95 1.09
C GLU D 30 0.97 -4.91 2.61
N SER D 31 0.23 -5.88 3.13
CA SER D 31 0.08 -6.07 4.55
C SER D 31 1.47 -6.38 5.13
N ARG D 32 1.64 -6.16 6.43
CA ARG D 32 2.94 -6.42 7.05
C ARG D 32 2.78 -6.48 8.56
N VAL D 33 3.78 -7.09 9.21
CA VAL D 33 3.88 -7.10 10.66
C VAL D 33 4.85 -5.99 11.08
N HIS D 34 4.40 -5.08 11.94
CA HIS D 34 5.29 -4.09 12.55
C HIS D 34 5.75 -4.59 13.92
N VAL D 35 7.06 -4.56 14.13
CA VAL D 35 7.64 -5.02 15.39
C VAL D 35 7.98 -3.76 16.23
N TYR D 36 7.41 -3.69 17.44
CA TYR D 36 7.62 -2.55 18.34
C TYR D 36 8.18 -2.97 19.71
N ASP D 37 8.88 -2.04 20.35
CA ASP D 37 9.28 -2.18 21.76
C ASP D 37 8.19 -1.54 22.61
N TYR D 38 7.47 -2.34 23.41
CA TYR D 38 6.34 -1.79 24.17
C TYR D 38 6.79 -0.94 25.35
N THR D 39 8.06 -1.07 25.73
CA THR D 39 8.56 -0.31 26.91
C THR D 39 8.84 1.17 26.59
N ASN D 40 9.04 1.50 25.32
CA ASN D 40 9.37 2.87 24.92
C ASN D 40 8.73 3.32 23.57
N GLY D 41 7.94 2.44 22.93
CA GLY D 41 7.30 2.77 21.66
C GLY D 41 8.20 2.80 20.42
N LYS D 42 9.43 2.29 20.54
CA LYS D 42 10.38 2.28 19.39
C LYS D 42 9.99 1.24 18.34
N PHE D 43 10.02 1.66 17.07
CA PHE D 43 9.85 0.78 15.93
C PHE D 43 11.14 -0.01 15.74
N LEU D 44 11.03 -1.34 15.71
CA LEU D 44 12.21 -2.22 15.68
C LEU D 44 12.45 -2.90 14.34
N GLY D 45 11.41 -3.00 13.52
CA GLY D 45 11.53 -3.69 12.25
C GLY D 45 10.16 -4.15 11.77
N MET D 46 10.16 -4.93 10.69
CA MET D 46 8.92 -5.38 10.10
C MET D 46 9.12 -6.65 9.26
N VAL D 47 8.01 -7.35 9.01
CA VAL D 47 8.01 -8.53 8.14
C VAL D 47 6.91 -8.34 7.08
N PRO D 48 7.29 -8.33 5.80
CA PRO D 48 6.29 -8.18 4.76
C PRO D 48 5.43 -9.43 4.63
N THR D 49 4.12 -9.26 4.44
CA THR D 49 3.18 -10.40 4.41
C THR D 49 2.16 -10.33 3.26
N ALA D 50 2.51 -9.65 2.17
CA ALA D 50 1.77 -9.73 0.91
C ALA D 50 0.25 -9.52 1.15
N PHE D 51 -0.61 -10.37 0.55
CA PHE D 51 -2.06 -10.13 0.60
C PHE D 51 -2.66 -10.68 1.91
N ASN D 52 -3.18 -9.79 2.75
CA ASN D 52 -3.91 -10.20 3.93
C ASN D 52 -3.14 -11.18 4.80
N GLY D 53 -1.93 -10.80 5.21
CA GLY D 53 -1.14 -11.70 6.06
C GLY D 53 -1.77 -11.95 7.41
N HIS D 54 -1.51 -13.14 7.95
CA HIS D 54 -1.73 -13.47 9.36
C HIS D 54 -0.37 -13.80 10.00
N VAL D 55 -0.27 -13.67 11.33
CA VAL D 55 1.00 -13.85 12.01
C VAL D 55 0.82 -14.48 13.39
N GLN D 56 1.82 -15.25 13.80
CA GLN D 56 1.94 -15.72 15.19
C GLN D 56 3.44 -15.96 15.47
N VAL D 57 3.80 -16.01 16.75
CA VAL D 57 5.16 -16.31 17.10
C VAL D 57 5.23 -17.76 17.58
N SER D 58 6.31 -18.46 17.22
CA SER D 58 6.48 -19.84 17.71
C SER D 58 6.47 -19.86 19.24
N ASN D 59 5.91 -20.91 19.82
CA ASN D 59 5.80 -20.99 21.26
C ASN D 59 7.16 -20.87 21.94
N ASP D 60 8.19 -21.40 21.30
CA ASP D 60 9.55 -21.36 21.85
C ASP D 60 10.25 -20.01 21.67
N GLY D 61 9.56 -19.07 21.03
CA GLY D 61 10.06 -17.69 20.89
C GLY D 61 11.17 -17.47 19.87
N LYS D 62 11.49 -18.50 19.07
CA LYS D 62 12.63 -18.42 18.14
C LYS D 62 12.24 -17.91 16.71
N LYS D 63 11.00 -18.19 16.32
CA LYS D 63 10.56 -17.93 14.93
C LYS D 63 9.23 -17.18 14.89
N ILE D 64 9.05 -16.45 13.79
CA ILE D 64 7.76 -15.83 13.49
C ILE D 64 7.16 -16.65 12.34
N TYR D 65 5.89 -17.01 12.51
CA TYR D 65 5.18 -17.71 11.48
C TYR D 65 4.23 -16.72 10.82
N THR D 66 4.24 -16.65 9.49
CA THR D 66 3.23 -15.87 8.78
C THR D 66 2.42 -16.78 7.86
N MET D 67 1.24 -16.32 7.47
CA MET D 67 0.43 -17.02 6.52
C MET D 67 -0.07 -15.99 5.53
N THR D 68 0.05 -16.31 4.24
CA THR D 68 -0.33 -15.33 3.23
C THR D 68 -0.65 -16.00 1.89
N THR D 69 -1.08 -15.17 0.93
CA THR D 69 -1.38 -15.60 -0.43
C THR D 69 -0.60 -14.77 -1.44
N TYR D 70 0.03 -15.45 -2.39
CA TYR D 70 0.66 -14.84 -3.53
C TYR D 70 -0.07 -15.26 -4.80
N HIS D 71 0.02 -14.45 -5.85
CA HIS D 71 -0.20 -14.92 -7.20
C HIS D 71 0.98 -14.53 -8.11
N GLU D 72 1.18 -15.29 -9.18
CA GLU D 72 2.34 -15.07 -10.06
C GLU D 72 2.47 -13.61 -10.54
N ARG D 73 1.33 -12.96 -10.78
CA ARG D 73 1.31 -11.56 -11.21
C ARG D 73 0.33 -10.73 -10.34
N ILE D 74 0.21 -11.16 -9.08
CA ILE D 74 -0.57 -10.47 -8.02
C ILE D 74 -2.08 -10.56 -8.23
N THR D 75 -2.56 -9.91 -9.30
CA THR D 75 -3.99 -9.83 -9.62
C THR D 75 -4.38 -10.81 -10.73
N ARG D 76 -3.39 -11.56 -11.21
CA ARG D 76 -3.61 -12.68 -12.11
C ARG D 76 -2.48 -13.71 -11.93
N GLY D 77 -2.63 -14.87 -12.56
CA GLY D 77 -1.64 -15.95 -12.46
C GLY D 77 -1.91 -16.90 -11.30
N LYS D 78 -1.07 -17.91 -11.17
CA LYS D 78 -1.34 -19.01 -10.26
C LYS D 78 -1.22 -18.57 -8.82
N ARG D 79 -2.12 -19.11 -7.99
CA ARG D 79 -2.19 -18.83 -6.56
C ARG D 79 -1.27 -19.73 -5.78
N SER D 80 -0.57 -19.14 -4.79
CA SER D 80 0.18 -19.91 -3.81
C SER D 80 -0.18 -19.42 -2.41
N ASP D 81 -0.90 -20.23 -1.65
CA ASP D 81 -1.08 -20.00 -0.23
C ASP D 81 0.07 -20.67 0.53
N VAL D 82 0.62 -19.98 1.52
CA VAL D 82 1.79 -20.47 2.22
C VAL D 82 1.77 -20.11 3.69
N VAL D 83 2.50 -20.89 4.46
CA VAL D 83 3.00 -20.46 5.74
C VAL D 83 4.49 -20.18 5.53
N GLU D 84 4.99 -19.07 6.08
CA GLU D 84 6.42 -18.80 6.06
C GLU D 84 7.01 -18.82 7.46
N VAL D 85 8.22 -19.37 7.57
CA VAL D 85 8.96 -19.34 8.81
C VAL D 85 10.06 -18.30 8.68
N TRP D 86 10.04 -17.34 9.61
CA TRP D 86 11.02 -16.24 9.69
C TRP D 86 11.81 -16.33 11.00
N ASP D 87 13.08 -15.96 10.94
CA ASP D 87 13.84 -15.84 12.18
C ASP D 87 13.43 -14.61 12.95
N ALA D 88 13.14 -14.79 14.23
CA ALA D 88 12.61 -13.70 15.03
C ALA D 88 13.64 -12.60 15.28
N ASP D 89 14.89 -12.97 15.48
CA ASP D 89 15.90 -11.97 15.83
C ASP D 89 16.46 -11.25 14.60
N LYS D 90 16.64 -11.96 13.48
CA LYS D 90 17.17 -11.33 12.26
C LYS D 90 16.06 -10.81 11.35
N LEU D 91 14.81 -11.21 11.62
CA LEU D 91 13.65 -10.85 10.78
C LEU D 91 13.90 -11.15 9.31
N THR D 92 14.44 -12.34 9.07
CA THR D 92 14.73 -12.84 7.74
C THR D 92 13.90 -14.10 7.43
N PHE D 93 13.57 -14.27 6.14
CA PHE D 93 12.84 -15.43 5.63
C PHE D 93 13.70 -16.68 5.64
N GLU D 94 13.16 -17.78 6.12
CA GLU D 94 13.87 -19.05 6.14
C GLU D 94 13.23 -20.15 5.30
N LYS D 95 11.90 -20.32 5.41
CA LYS D 95 11.21 -21.47 4.80
C LYS D 95 9.79 -21.13 4.38
N GLU D 96 9.38 -21.66 3.22
CA GLU D 96 7.98 -21.60 2.76
C GLU D 96 7.42 -22.99 2.85
N ILE D 97 6.22 -23.08 3.43
CA ILE D 97 5.47 -24.32 3.51
C ILE D 97 4.21 -24.15 2.67
N SER D 98 4.04 -25.02 1.69
CA SER D 98 2.92 -24.93 0.78
C SER D 98 1.64 -25.39 1.41
N LEU D 99 0.57 -24.62 1.20
CA LEU D 99 -0.78 -24.96 1.66
C LEU D 99 -1.68 -25.17 0.44
N PRO D 100 -2.81 -25.88 0.62
CA PRO D 100 -3.80 -25.89 -0.43
C PRO D 100 -4.39 -24.49 -0.59
N PRO D 101 -4.82 -24.12 -1.80
CA PRO D 101 -5.26 -22.73 -2.06
C PRO D 101 -6.62 -22.36 -1.49
N LYS D 102 -6.75 -22.52 -0.19
CA LYS D 102 -7.98 -22.20 0.50
C LYS D 102 -7.75 -21.73 1.94
N ARG D 103 -6.56 -21.20 2.25
CA ARG D 103 -6.35 -20.66 3.57
C ARG D 103 -7.31 -19.50 3.78
N VAL D 104 -7.79 -19.31 5.00
CA VAL D 104 -8.75 -18.24 5.26
C VAL D 104 -8.19 -16.88 4.92
N GLN D 105 -8.93 -16.16 4.10
CA GLN D 105 -8.69 -14.73 3.87
C GLN D 105 -9.75 -13.96 4.62
N GLY D 106 -9.31 -13.15 5.57
CA GLY D 106 -10.20 -12.48 6.49
C GLY D 106 -9.46 -11.68 7.52
N LEU D 107 -10.21 -10.93 8.33
CA LEU D 107 -9.60 -10.11 9.37
C LEU D 107 -8.90 -10.96 10.43
N ASN D 108 -7.98 -10.34 11.17
CA ASN D 108 -6.98 -11.05 11.95
C ASN D 108 -7.44 -11.44 13.37
N TYR D 109 -8.49 -12.27 13.45
CA TYR D 109 -8.82 -12.92 14.72
C TYR D 109 -7.71 -13.93 15.08
N ASP D 110 -7.34 -13.99 16.36
CA ASP D 110 -6.30 -14.91 16.82
C ASP D 110 -6.57 -16.34 16.33
N GLY D 111 -7.84 -16.75 16.40
CA GLY D 111 -8.22 -18.17 16.25
C GLY D 111 -8.17 -18.70 14.81
N LEU D 112 -7.77 -17.86 13.85
CA LEU D 112 -7.66 -18.29 12.45
C LEU D 112 -6.27 -18.89 12.13
N PHE D 113 -5.31 -18.66 13.01
CA PHE D 113 -3.94 -19.05 12.76
C PHE D 113 -3.26 -19.26 14.11
N ARG D 114 -3.17 -20.54 14.55
CA ARG D 114 -2.72 -20.89 15.90
C ARG D 114 -1.72 -22.03 15.85
N GLN D 115 -1.35 -22.56 17.02
CA GLN D 115 -0.49 -23.74 17.06
C GLN D 115 -0.89 -24.61 18.25
N THR D 116 -0.50 -25.88 18.21
CA THR D 116 -0.75 -26.78 19.34
C THR D 116 0.12 -26.34 20.50
N THR D 117 -0.26 -26.75 21.70
CA THR D 117 0.42 -26.33 22.90
C THR D 117 1.89 -26.75 22.83
N ASP D 118 2.16 -27.93 22.28
CA ASP D 118 3.53 -28.45 22.17
C ASP D 118 4.36 -27.80 21.06
N GLY D 119 3.74 -26.88 20.32
CA GLY D 119 4.42 -26.14 19.25
C GLY D 119 4.76 -26.96 18.01
N LYS D 120 4.34 -28.22 17.97
CA LYS D 120 4.77 -29.11 16.87
C LYS D 120 3.91 -28.98 15.62
N PHE D 121 2.71 -28.41 15.77
CA PHE D 121 1.81 -28.23 14.64
C PHE D 121 1.25 -26.83 14.60
N ILE D 122 1.22 -26.27 13.42
CA ILE D 122 0.46 -25.08 13.14
C ILE D 122 -0.95 -25.50 12.73
N VAL D 123 -1.94 -24.80 13.27
CA VAL D 123 -3.32 -25.16 13.10
C VAL D 123 -4.06 -23.94 12.62
N LEU D 124 -4.66 -24.04 11.43
CA LEU D 124 -5.17 -22.87 10.71
C LEU D 124 -6.56 -23.13 10.10
N GLN D 125 -7.31 -22.08 9.90
CA GLN D 125 -8.63 -22.16 9.30
C GLN D 125 -8.59 -22.09 7.78
N ASN D 126 -9.27 -23.06 7.12
CA ASN D 126 -9.48 -23.05 5.66
C ASN D 126 -10.90 -22.66 5.33
N ALA D 127 -11.07 -22.10 4.15
CA ALA D 127 -12.41 -21.77 3.64
C ALA D 127 -12.37 -21.69 2.13
N SER D 128 -13.16 -22.54 1.48
CA SER D 128 -13.08 -22.69 0.03
C SER D 128 -14.33 -22.31 -0.82
N PRO D 129 -15.46 -21.89 -0.21
CA PRO D 129 -15.82 -21.50 1.16
C PRO D 129 -16.15 -22.63 2.15
N ALA D 130 -16.18 -23.89 1.68
CA ALA D 130 -16.37 -25.00 2.62
C ALA D 130 -15.26 -24.92 3.66
N THR D 131 -15.59 -25.13 4.92
CA THR D 131 -14.61 -24.96 5.98
C THR D 131 -14.00 -26.29 6.40
N SER D 132 -12.73 -26.24 6.71
CA SER D 132 -11.99 -27.32 7.33
C SER D 132 -10.88 -26.68 8.11
N ILE D 133 -10.21 -27.45 8.95
CA ILE D 133 -9.00 -26.97 9.65
C ILE D 133 -7.75 -27.61 9.01
N GLY D 134 -6.74 -26.78 8.71
CA GLY D 134 -5.50 -27.24 8.13
C GLY D 134 -4.45 -27.48 9.21
N ILE D 135 -3.67 -28.53 9.03
CA ILE D 135 -2.61 -28.91 9.96
C ILE D 135 -1.27 -28.87 9.23
N VAL D 136 -0.32 -28.13 9.80
CA VAL D 136 1.03 -28.05 9.26
C VAL D 136 2.01 -28.65 10.28
N ASP D 137 2.84 -29.57 9.81
CA ASP D 137 3.84 -30.22 10.64
C ASP D 137 5.09 -29.35 10.61
N VAL D 138 5.37 -28.71 11.72
CA VAL D 138 6.46 -27.75 11.75
C VAL D 138 7.82 -28.44 11.50
N ALA D 139 8.06 -29.58 12.15
CA ALA D 139 9.32 -30.31 11.98
C ALA D 139 9.57 -30.72 10.53
N LYS D 140 8.54 -31.20 9.87
CA LYS D 140 8.66 -31.71 8.48
C LYS D 140 8.60 -30.60 7.43
N GLY D 141 8.04 -29.46 7.79
CA GLY D 141 7.83 -28.38 6.84
C GLY D 141 6.75 -28.72 5.83
N ASP D 142 5.74 -29.47 6.28
CA ASP D 142 4.73 -30.06 5.40
C ASP D 142 3.31 -29.73 5.87
N TYR D 143 2.39 -29.70 4.91
CA TYR D 143 0.95 -29.76 5.17
C TYR D 143 0.60 -31.22 5.40
N VAL D 144 -0.14 -31.52 6.46
CA VAL D 144 -0.57 -32.89 6.75
C VAL D 144 -1.83 -33.16 5.91
N GLU D 145 -3.01 -32.87 6.46
CA GLU D 145 -4.26 -32.99 5.69
C GLU D 145 -5.39 -32.20 6.37
N ASP D 146 -6.47 -31.97 5.61
CA ASP D 146 -7.66 -31.27 6.12
C ASP D 146 -8.26 -32.02 7.29
N VAL D 147 -8.64 -31.31 8.33
CA VAL D 147 -9.57 -31.82 9.32
C VAL D 147 -10.98 -31.51 8.82
N THR D 148 -11.56 -32.48 8.11
CA THR D 148 -12.85 -32.34 7.48
C THR D 148 -13.98 -32.40 8.49
N ALA D 149 -13.71 -32.95 9.68
CA ALA D 149 -14.73 -33.07 10.72
C ALA D 149 -15.20 -31.70 11.22
N ALA D 150 -14.40 -30.66 10.94
CA ALA D 150 -14.71 -29.30 11.39
C ALA D 150 -15.56 -28.53 10.37
N ALA D 151 -16.05 -29.20 9.33
CA ALA D 151 -16.97 -28.60 8.39
C ALA D 151 -18.15 -28.00 9.11
N GLY D 152 -18.47 -26.74 8.77
CA GLY D 152 -19.55 -26.03 9.42
C GLY D 152 -19.18 -25.44 10.77
N CYS D 153 -17.88 -25.49 11.12
CA CYS D 153 -17.38 -24.87 12.34
C CYS D 153 -16.43 -23.74 11.96
N TRP D 154 -15.89 -23.05 12.97
CA TRP D 154 -15.04 -21.89 12.72
C TRP D 154 -14.09 -21.57 13.88
N SER D 155 -12.81 -21.41 13.52
CA SER D 155 -11.75 -20.93 14.42
C SER D 155 -11.20 -22.01 15.35
N VAL D 156 -9.99 -21.75 15.85
CA VAL D 156 -9.19 -22.74 16.55
C VAL D 156 -8.89 -22.24 17.94
N ILE D 157 -9.32 -23.00 18.95
CA ILE D 157 -9.05 -22.69 20.34
C ILE D 157 -8.19 -23.82 20.91
N PRO D 158 -6.89 -23.60 21.03
CA PRO D 158 -6.04 -24.66 21.56
C PRO D 158 -6.36 -24.95 23.01
N GLN D 159 -6.19 -26.20 23.42
CA GLN D 159 -6.32 -26.58 24.82
C GLN D 159 -4.92 -26.52 25.46
N PRO D 160 -4.67 -25.50 26.32
CA PRO D 160 -3.34 -25.38 26.92
C PRO D 160 -2.92 -26.50 27.87
N ASN D 161 -3.85 -27.39 28.25
CA ASN D 161 -3.54 -28.52 29.16
C ASN D 161 -3.21 -29.84 28.44
N ARG D 162 -3.19 -29.82 27.10
CA ARG D 162 -2.83 -31.00 26.29
C ARG D 162 -1.88 -30.59 25.17
N PRO D 163 -0.97 -31.50 24.76
CA PRO D 163 0.10 -31.17 23.81
C PRO D 163 -0.36 -30.87 22.38
N ARG D 164 -1.39 -31.55 21.90
CA ARG D 164 -1.81 -31.39 20.50
C ARG D 164 -3.33 -31.59 20.34
N SER D 165 -4.08 -30.84 21.14
CA SER D 165 -5.54 -30.85 21.10
C SER D 165 -6.06 -29.42 20.96
N PHE D 166 -7.15 -29.27 20.25
CA PHE D 166 -7.78 -27.97 20.10
C PHE D 166 -9.27 -28.13 19.91
N MET D 167 -10.00 -27.03 20.07
CA MET D 167 -11.44 -26.99 19.87
C MET D 167 -11.82 -26.00 18.77
N THR D 168 -13.02 -26.16 18.22
CA THR D 168 -13.60 -25.20 17.29
C THR D 168 -15.09 -25.00 17.57
N ILE D 169 -15.61 -23.84 17.19
CA ILE D 169 -17.05 -23.51 17.44
C ILE D 169 -17.87 -23.87 16.23
N CYS D 170 -18.93 -24.66 16.44
CA CYS D 170 -19.71 -25.18 15.34
C CYS D 170 -21.11 -24.57 15.24
N GLY D 171 -21.72 -24.71 14.06
CA GLY D 171 -23.02 -24.11 13.77
C GLY D 171 -24.17 -24.66 14.59
N ASP D 172 -23.92 -25.74 15.33
CA ASP D 172 -24.94 -26.32 16.23
C ASP D 172 -24.91 -25.68 17.60
N GLY D 173 -23.96 -24.76 17.81
CA GLY D 173 -23.85 -24.04 19.06
C GLY D 173 -23.03 -24.79 20.08
N GLY D 174 -22.33 -25.82 19.62
CA GLY D 174 -21.45 -26.60 20.47
C GLY D 174 -20.00 -26.50 20.03
N LEU D 175 -19.15 -27.25 20.72
CA LEU D 175 -17.73 -27.26 20.44
C LEU D 175 -17.31 -28.65 19.97
N LEU D 176 -16.49 -28.69 18.93
CA LEU D 176 -15.85 -29.91 18.46
C LEU D 176 -14.41 -29.91 18.93
N THR D 177 -14.01 -30.98 19.61
CA THR D 177 -12.65 -31.14 20.07
C THR D 177 -11.95 -32.12 19.15
N ILE D 178 -10.73 -31.76 18.76
CA ILE D 178 -9.89 -32.56 17.90
C ILE D 178 -8.62 -32.89 18.64
N ASN D 179 -8.28 -34.17 18.71
CA ASN D 179 -7.02 -34.61 19.30
C ASN D 179 -6.14 -35.23 18.24
N LEU D 180 -4.97 -34.63 18.01
CA LEU D 180 -4.06 -35.05 16.93
C LEU D 180 -3.16 -36.16 17.41
N GLY D 181 -2.76 -37.04 16.50
CA GLY D 181 -1.70 -37.98 16.76
C GLY D 181 -0.35 -37.33 16.48
N GLU D 182 0.72 -38.08 16.72
CA GLU D 182 2.07 -37.53 16.59
C GLU D 182 2.40 -37.15 15.15
N ASP D 183 1.59 -37.60 14.21
CA ASP D 183 1.83 -37.31 12.79
C ASP D 183 0.97 -36.16 12.26
N GLY D 184 0.15 -35.59 13.14
CA GLY D 184 -0.69 -34.46 12.75
C GLY D 184 -2.06 -34.84 12.21
N LYS D 185 -2.35 -36.14 12.10
CA LYS D 185 -3.67 -36.59 11.65
C LYS D 185 -4.60 -36.69 12.87
N VAL D 186 -5.90 -36.70 12.62
CA VAL D 186 -6.87 -36.79 13.73
C VAL D 186 -6.79 -38.18 14.36
N ALA D 187 -6.50 -38.23 15.68
CA ALA D 187 -6.47 -39.51 16.43
C ALA D 187 -7.82 -39.78 17.05
N SER D 188 -8.45 -38.73 17.55
CA SER D 188 -9.79 -38.84 18.10
C SER D 188 -10.46 -37.49 18.13
N GLN D 189 -11.75 -37.49 18.42
CA GLN D 189 -12.55 -36.27 18.45
C GLN D 189 -13.79 -36.47 19.30
N SER D 190 -14.39 -35.35 19.74
CA SER D 190 -15.62 -35.40 20.49
C SER D 190 -16.38 -34.09 20.33
N ARG D 191 -17.70 -34.16 20.52
CA ARG D 191 -18.58 -33.03 20.34
C ARG D 191 -19.34 -32.76 21.65
N SER D 192 -19.27 -31.52 22.15
CA SER D 192 -19.95 -31.16 23.40
C SER D 192 -21.44 -31.08 23.18
N LYS D 193 -22.20 -30.97 24.27
CA LYS D 193 -23.60 -30.58 24.20
C LYS D 193 -23.67 -29.12 23.74
N GLN D 194 -24.85 -28.68 23.33
CA GLN D 194 -25.02 -27.28 22.92
C GLN D 194 -24.63 -26.36 24.07
N MET D 195 -23.77 -25.39 23.76
CA MET D 195 -23.33 -24.40 24.74
C MET D 195 -24.22 -23.15 24.68
N PHE D 196 -24.52 -22.69 23.46
CA PHE D 196 -25.27 -21.44 23.26
C PHE D 196 -26.27 -21.57 22.11
N SER D 197 -27.35 -20.79 22.16
CA SER D 197 -28.31 -20.71 21.07
C SER D 197 -27.74 -19.83 19.98
N VAL D 198 -27.51 -20.41 18.82
CA VAL D 198 -27.00 -19.67 17.69
C VAL D 198 -27.97 -18.53 17.31
N LYS D 199 -29.26 -18.83 17.31
CA LYS D 199 -30.26 -17.82 16.95
C LYS D 199 -30.40 -16.76 18.04
N ASP D 200 -30.47 -17.17 19.30
CA ASP D 200 -30.96 -16.29 20.38
C ASP D 200 -29.87 -15.59 21.18
N ASP D 201 -28.66 -16.16 21.20
CA ASP D 201 -27.57 -15.56 21.96
C ASP D 201 -26.20 -15.89 21.36
N PRO D 202 -25.96 -15.43 20.12
CA PRO D 202 -24.71 -15.80 19.47
C PRO D 202 -23.50 -15.27 20.24
N ILE D 203 -22.43 -16.07 20.29
CA ILE D 203 -21.21 -15.66 20.99
C ILE D 203 -20.19 -15.08 20.01
N PHE D 204 -19.34 -14.19 20.54
CA PHE D 204 -18.10 -13.79 19.86
C PHE D 204 -17.14 -14.97 19.86
N ILE D 205 -16.38 -15.14 18.79
CA ILE D 205 -15.51 -16.32 18.70
C ILE D 205 -14.26 -16.21 19.60
N ALA D 206 -13.89 -14.99 19.97
CA ALA D 206 -12.66 -14.75 20.75
C ALA D 206 -12.75 -15.38 22.16
N PRO D 207 -11.92 -16.39 22.44
CA PRO D 207 -11.99 -16.98 23.77
C PRO D 207 -11.28 -16.15 24.81
N ALA D 208 -11.78 -16.18 26.04
CA ALA D 208 -11.01 -15.82 27.19
C ALA D 208 -10.45 -17.11 27.79
N LEU D 209 -9.20 -17.40 27.45
CA LEU D 209 -8.65 -18.74 27.55
C LEU D 209 -7.84 -18.97 28.81
N ASP D 210 -8.27 -19.94 29.61
CA ASP D 210 -7.54 -20.40 30.77
C ASP D 210 -6.79 -21.70 30.41
N LYS D 211 -6.08 -22.28 31.39
CA LYS D 211 -5.31 -23.50 31.11
C LYS D 211 -6.21 -24.70 30.82
N ASP D 212 -7.33 -24.79 31.52
CA ASP D 212 -8.23 -25.95 31.38
C ASP D 212 -9.70 -25.57 31.12
N LYS D 213 -9.97 -24.29 30.89
CA LYS D 213 -11.28 -23.85 30.47
C LYS D 213 -11.20 -22.58 29.66
N ALA D 214 -12.30 -22.24 29.00
CA ALA D 214 -12.38 -21.04 28.20
C ALA D 214 -13.75 -20.41 28.39
N HIS D 215 -13.78 -19.08 28.37
CA HIS D 215 -15.02 -18.34 28.44
C HIS D 215 -15.23 -17.57 27.16
N PHE D 216 -16.49 -17.37 26.81
CA PHE D 216 -16.90 -16.61 25.62
C PHE D 216 -18.03 -15.66 25.99
N VAL D 217 -18.01 -14.45 25.44
CA VAL D 217 -19.09 -13.48 25.65
C VAL D 217 -20.03 -13.43 24.44
N SER D 218 -21.27 -13.01 24.68
CA SER D 218 -22.27 -13.03 23.64
C SER D 218 -22.63 -11.64 23.16
N TYR D 219 -23.36 -11.57 22.04
CA TYR D 219 -23.83 -10.29 21.49
C TYR D 219 -24.63 -9.49 22.50
N TYR D 220 -25.28 -10.17 23.45
CA TYR D 220 -26.17 -9.52 24.41
C TYR D 220 -25.59 -9.44 25.82
N GLY D 221 -24.30 -9.72 25.97
CA GLY D 221 -23.59 -9.50 27.23
C GLY D 221 -23.62 -10.68 28.20
N ASN D 222 -23.94 -11.86 27.68
CA ASN D 222 -23.90 -13.09 28.47
C ASN D 222 -22.56 -13.78 28.35
N VAL D 223 -22.29 -14.68 29.29
CA VAL D 223 -21.03 -15.39 29.35
C VAL D 223 -21.27 -16.89 29.35
N TYR D 224 -20.59 -17.59 28.44
CA TYR D 224 -20.63 -19.05 28.38
C TYR D 224 -19.24 -19.60 28.66
N SER D 225 -19.17 -20.81 29.22
CA SER D 225 -17.87 -21.44 29.51
CA SER D 225 -17.87 -21.43 29.52
C SER D 225 -17.79 -22.88 29.02
N ALA D 226 -16.57 -23.30 28.69
CA ALA D 226 -16.29 -24.67 28.32
C ALA D 226 -15.16 -25.18 29.19
N ASP D 227 -15.42 -26.23 29.96
CA ASP D 227 -14.41 -26.81 30.81
C ASP D 227 -13.85 -28.05 30.12
N PHE D 228 -12.55 -28.03 29.81
CA PHE D 228 -11.89 -29.20 29.20
C PHE D 228 -10.83 -29.80 30.14
N SER D 229 -11.05 -29.67 31.44
CA SER D 229 -10.21 -30.38 32.42
C SER D 229 -10.40 -31.90 32.29
N GLY D 230 -11.63 -32.33 31.98
CA GLY D 230 -11.99 -33.75 31.99
C GLY D 230 -11.79 -34.44 30.67
N ASP D 231 -12.23 -35.69 30.58
CA ASP D 231 -12.10 -36.47 29.35
C ASP D 231 -12.76 -35.75 28.18
N GLU D 232 -13.95 -35.19 28.43
CA GLU D 232 -14.70 -34.48 27.42
C GLU D 232 -15.15 -33.11 27.95
N VAL D 233 -15.63 -32.28 27.04
CA VAL D 233 -15.89 -30.87 27.34
C VAL D 233 -17.27 -30.68 27.96
N LYS D 234 -17.30 -30.05 29.14
CA LYS D 234 -18.55 -29.71 29.81
C LYS D 234 -18.84 -28.21 29.62
N VAL D 235 -20.04 -27.90 29.12
CA VAL D 235 -20.42 -26.52 28.80
C VAL D 235 -21.42 -25.98 29.80
N ASP D 236 -21.42 -24.67 30.01
CA ASP D 236 -22.40 -24.02 30.85
C ASP D 236 -22.57 -22.55 30.47
N GLY D 237 -23.57 -21.91 31.08
CA GLY D 237 -23.94 -20.55 30.76
C GLY D 237 -25.37 -20.52 30.28
N PRO D 238 -25.96 -19.32 30.16
CA PRO D 238 -25.29 -18.05 30.36
C PRO D 238 -25.25 -17.62 31.83
N TRP D 239 -24.27 -16.79 32.18
CA TRP D 239 -24.44 -15.78 33.21
C TRP D 239 -24.16 -14.39 32.64
N SER D 240 -24.83 -13.38 33.19
CA SER D 240 -24.81 -12.03 32.61
C SER D 240 -23.62 -11.20 33.10
N LEU D 241 -23.05 -10.42 32.18
CA LEU D 241 -22.05 -9.42 32.51
C LEU D 241 -22.66 -8.21 33.20
N LEU D 242 -24.00 -8.11 33.15
CA LEU D 242 -24.71 -6.85 33.36
C LEU D 242 -25.52 -6.86 34.65
N ASN D 243 -25.51 -5.73 35.35
CA ASN D 243 -26.50 -5.48 36.40
C ASN D 243 -27.69 -4.71 35.84
N ASP D 244 -28.67 -4.38 36.71
CA ASP D 244 -29.89 -3.70 36.26
C ASP D 244 -29.57 -2.37 35.61
N GLU D 245 -28.65 -1.64 36.22
CA GLU D 245 -28.26 -0.33 35.69
C GLU D 245 -27.62 -0.51 34.31
N ASP D 246 -26.67 -1.44 34.23
CA ASP D 246 -26.05 -1.84 32.96
C ASP D 246 -27.11 -2.16 31.91
N LYS D 247 -28.05 -3.03 32.28
CA LYS D 247 -29.11 -3.45 31.37
C LYS D 247 -29.98 -2.27 30.95
N ALA D 248 -30.26 -1.35 31.88
CA ALA D 248 -31.09 -0.22 31.56
C ALA D 248 -30.45 0.69 30.51
N LYS D 249 -29.11 0.73 30.47
CA LYS D 249 -28.39 1.55 29.47
C LYS D 249 -27.90 0.72 28.27
N ASN D 250 -28.34 -0.54 28.20
CA ASN D 250 -28.07 -1.42 27.04
C ASN D 250 -26.59 -1.63 26.76
N TRP D 251 -25.80 -1.79 27.82
CA TRP D 251 -24.40 -2.14 27.66
C TRP D 251 -24.28 -3.54 27.05
N VAL D 252 -23.44 -3.65 26.01
CA VAL D 252 -23.11 -4.94 25.39
C VAL D 252 -21.65 -4.96 25.01
N PRO D 253 -21.09 -6.17 24.77
CA PRO D 253 -19.73 -6.23 24.26
C PRO D 253 -19.63 -5.75 22.83
N GLY D 254 -18.45 -5.31 22.44
CA GLY D 254 -18.17 -5.02 21.04
C GLY D 254 -16.69 -4.99 20.74
N GLY D 255 -16.33 -5.49 19.56
CA GLY D 255 -14.93 -5.46 19.10
C GLY D 255 -14.62 -6.69 18.27
N TYR D 256 -13.33 -7.00 18.14
CA TYR D 256 -12.87 -8.14 17.34
C TYR D 256 -12.17 -9.16 18.26
N ASN D 257 -10.88 -8.98 18.53
CA ASN D 257 -10.21 -9.74 19.58
C ASN D 257 -10.52 -9.07 20.93
N LEU D 258 -11.76 -9.22 21.39
CA LEU D 258 -12.36 -8.25 22.34
C LEU D 258 -12.28 -8.67 23.80
N VAL D 259 -11.77 -9.88 24.08
CA VAL D 259 -11.61 -10.37 25.44
C VAL D 259 -10.23 -10.90 25.77
N GLY D 260 -9.97 -11.03 27.06
CA GLY D 260 -8.74 -11.56 27.57
C GLY D 260 -8.97 -12.13 28.94
N LEU D 261 -8.12 -13.07 29.34
CA LEU D 261 -8.17 -13.62 30.69
C LEU D 261 -6.80 -13.48 31.33
N HIS D 262 -6.78 -12.91 32.52
CA HIS D 262 -5.65 -13.02 33.40
C HIS D 262 -5.80 -14.31 34.22
N ARG D 263 -4.99 -15.32 33.89
CA ARG D 263 -5.23 -16.68 34.38
C ARG D 263 -5.01 -16.83 35.88
N ALA D 264 -3.99 -16.17 36.42
CA ALA D 264 -3.64 -16.28 37.84
C ALA D 264 -4.76 -15.76 38.75
N SER D 265 -5.43 -14.70 38.31
CA SER D 265 -6.47 -14.06 39.14
C SER D 265 -7.90 -14.44 38.72
N GLY D 266 -8.05 -14.98 37.52
CA GLY D 266 -9.36 -15.29 36.97
C GLY D 266 -10.12 -14.07 36.46
N ARG D 267 -9.42 -12.93 36.35
CA ARG D 267 -10.03 -11.71 35.85
C ARG D 267 -10.21 -11.80 34.32
N MET D 268 -11.43 -11.55 33.85
CA MET D 268 -11.72 -11.46 32.41
C MET D 268 -11.86 -9.99 32.00
N TYR D 269 -11.23 -9.64 30.87
CA TYR D 269 -11.27 -8.27 30.35
C TYR D 269 -12.13 -8.26 29.11
N VAL D 270 -12.98 -7.24 28.96
CA VAL D 270 -13.91 -7.20 27.85
C VAL D 270 -14.27 -5.78 27.46
N PHE D 271 -14.22 -5.50 26.15
CA PHE D 271 -14.65 -4.21 25.63
C PHE D 271 -16.14 -4.10 25.58
N MET D 272 -16.66 -3.01 26.13
CA MET D 272 -18.10 -2.80 26.24
C MET D 272 -18.47 -1.40 25.74
N HIS D 273 -19.70 -1.26 25.27
CA HIS D 273 -20.23 0.04 24.90
C HIS D 273 -21.72 0.12 25.27
N PRO D 274 -22.23 1.34 25.52
CA PRO D 274 -23.66 1.50 25.82
C PRO D 274 -24.52 1.52 24.56
N ASP D 275 -25.84 1.59 24.76
CA ASP D 275 -26.79 1.74 23.66
C ASP D 275 -26.65 0.62 22.62
N GLY D 276 -26.43 -0.60 23.11
CA GLY D 276 -26.38 -1.77 22.24
C GLY D 276 -27.69 -2.00 21.50
N LYS D 277 -27.59 -2.43 20.26
CA LYS D 277 -28.73 -2.91 19.50
C LYS D 277 -28.18 -3.74 18.32
N GLU D 278 -29.05 -4.28 17.50
CA GLU D 278 -28.63 -5.05 16.34
C GLU D 278 -27.67 -4.23 15.51
N GLY D 279 -26.49 -4.78 15.25
CA GLY D 279 -25.50 -4.13 14.38
C GLY D 279 -24.36 -3.40 15.08
N THR D 280 -24.30 -3.45 16.42
CA THR D 280 -23.26 -2.72 17.16
C THR D 280 -22.16 -3.64 17.72
N HIS D 281 -22.12 -4.90 17.30
CA HIS D 281 -21.21 -5.87 17.92
C HIS D 281 -19.71 -5.65 17.62
N LYS D 282 -19.40 -4.80 16.65
CA LYS D 282 -18.00 -4.48 16.35
C LYS D 282 -17.65 -3.00 16.67
N PHE D 283 -18.52 -2.33 17.44
CA PHE D 283 -18.28 -0.93 17.84
C PHE D 283 -17.07 -0.82 18.75
N PRO D 284 -16.29 0.27 18.62
CA PRO D 284 -15.19 0.52 19.54
C PRO D 284 -15.61 0.52 21.03
N ALA D 285 -14.69 0.17 21.90
CA ALA D 285 -14.95 0.15 23.36
C ALA D 285 -15.21 1.55 23.87
N ALA D 286 -16.35 1.75 24.51
CA ALA D 286 -16.56 2.91 25.38
C ALA D 286 -15.78 2.73 26.69
N GLU D 287 -15.79 1.50 27.20
CA GLU D 287 -15.05 1.14 28.38
C GLU D 287 -14.46 -0.26 28.24
N ILE D 288 -13.48 -0.56 29.08
CA ILE D 288 -13.10 -1.94 29.36
C ILE D 288 -13.64 -2.31 30.74
N TRP D 289 -14.35 -3.42 30.81
CA TRP D 289 -14.79 -3.96 32.10
C TRP D 289 -13.89 -5.11 32.52
N VAL D 290 -13.65 -5.20 33.82
CA VAL D 290 -12.84 -6.25 34.40
C VAL D 290 -13.75 -7.11 35.29
N MET D 291 -13.87 -8.38 34.93
CA MET D 291 -14.86 -9.28 35.56
C MET D 291 -14.12 -10.34 36.36
N ASP D 292 -14.54 -10.58 37.60
CA ASP D 292 -14.05 -11.72 38.34
C ASP D 292 -14.89 -12.95 37.96
N THR D 293 -14.27 -13.91 37.27
CA THR D 293 -15.01 -15.05 36.73
C THR D 293 -15.40 -16.09 37.79
N LYS D 294 -14.82 -15.98 38.98
CA LYS D 294 -15.22 -16.83 40.12
C LYS D 294 -16.44 -16.24 40.84
N THR D 295 -16.37 -14.97 41.21
CA THR D 295 -17.53 -14.31 41.87
C THR D 295 -18.59 -13.86 40.86
N LYS D 296 -18.20 -13.76 39.60
CA LYS D 296 -19.12 -13.38 38.53
C LYS D 296 -19.64 -11.94 38.69
N GLN D 297 -18.77 -11.09 39.24
CA GLN D 297 -19.09 -9.67 39.42
C GLN D 297 -18.07 -8.84 38.67
N ARG D 298 -18.47 -7.65 38.26
CA ARG D 298 -17.53 -6.66 37.73
C ARG D 298 -16.73 -6.03 38.87
N VAL D 299 -15.40 -6.00 38.74
CA VAL D 299 -14.52 -5.42 39.77
C VAL D 299 -13.84 -4.10 39.33
N ALA D 300 -13.83 -3.82 38.04
CA ALA D 300 -13.35 -2.52 37.53
C ALA D 300 -14.00 -2.15 36.22
N ARG D 301 -14.01 -0.85 35.93
CA ARG D 301 -14.35 -0.32 34.61
C ARG D 301 -13.51 0.95 34.37
N ILE D 302 -12.92 1.03 33.18
CA ILE D 302 -12.07 2.17 32.82
C ILE D 302 -12.40 2.60 31.39
N PRO D 303 -11.99 3.83 30.99
CA PRO D 303 -12.19 4.29 29.62
C PRO D 303 -11.62 3.32 28.55
N GLY D 304 -12.30 3.21 27.42
CA GLY D 304 -11.96 2.20 26.39
C GLY D 304 -10.96 2.68 25.34
N ARG D 305 -10.78 3.99 25.25
CA ARG D 305 -9.88 4.60 24.24
C ARG D 305 -10.20 4.08 22.81
N ASP D 306 -11.48 3.86 22.57
CA ASP D 306 -11.98 3.36 21.30
C ASP D 306 -11.30 2.07 20.82
N ALA D 307 -10.86 1.24 21.77
CA ALA D 307 -10.15 0.01 21.42
C ALA D 307 -11.09 -1.02 20.82
N LEU D 308 -10.55 -1.85 19.92
CA LEU D 308 -11.30 -2.93 19.26
C LEU D 308 -10.73 -4.31 19.55
N SER D 309 -9.42 -4.37 19.79
CA SER D 309 -8.76 -5.63 20.05
C SER D 309 -7.75 -5.52 21.22
N MET D 310 -7.50 -6.65 21.87
CA MET D 310 -6.54 -6.70 22.99
C MET D 310 -5.70 -7.97 22.97
N THR D 311 -4.71 -8.03 23.84
CA THR D 311 -4.03 -9.27 24.19
C THR D 311 -3.44 -9.14 25.61
N ILE D 312 -3.26 -10.29 26.26
CA ILE D 312 -2.80 -10.34 27.63
C ILE D 312 -1.47 -11.08 27.69
N ASP D 313 -0.55 -10.56 28.49
CA ASP D 313 0.68 -11.27 28.84
C ASP D 313 0.64 -11.74 30.29
N GLN D 314 0.54 -13.06 30.46
CA GLN D 314 0.43 -13.65 31.82
C GLN D 314 1.72 -13.49 32.58
N GLN D 315 2.82 -13.45 31.86
CA GLN D 315 4.13 -13.49 32.46
C GLN D 315 4.57 -12.15 33.04
N ARG D 316 4.09 -11.04 32.44
CA ARG D 316 4.41 -9.71 32.94
C ARG D 316 3.17 -8.95 33.48
N ASN D 317 2.01 -9.60 33.46
CA ASN D 317 0.76 -8.99 33.94
C ASN D 317 0.46 -7.67 33.23
N LEU D 318 0.37 -7.79 31.89
CA LEU D 318 0.07 -6.68 31.00
C LEU D 318 -1.12 -6.96 30.12
N MET D 319 -1.79 -5.89 29.71
CA MET D 319 -2.77 -5.95 28.64
C MET D 319 -2.43 -4.87 27.63
N LEU D 320 -2.43 -5.26 26.36
CA LEU D 320 -2.35 -4.29 25.27
C LEU D 320 -3.72 -4.10 24.69
N THR D 321 -4.07 -2.87 24.34
CA THR D 321 -5.25 -2.66 23.52
C THR D 321 -4.90 -1.89 22.25
N LEU D 322 -5.80 -1.97 21.28
CA LEU D 322 -5.52 -1.52 19.93
C LEU D 322 -6.81 -0.98 19.31
N ASP D 323 -6.74 0.26 18.79
CA ASP D 323 -7.92 0.93 18.21
C ASP D 323 -7.94 0.92 16.67
N GLY D 324 -6.99 0.21 16.08
CA GLY D 324 -6.82 0.18 14.63
C GLY D 324 -5.49 0.76 14.17
N GLY D 325 -5.01 1.75 14.92
CA GLY D 325 -3.77 2.44 14.59
C GLY D 325 -2.81 2.65 15.75
N ASN D 326 -3.37 2.73 16.97
CA ASN D 326 -2.58 3.03 18.17
C ASN D 326 -2.67 1.91 19.19
N VAL D 327 -1.55 1.67 19.89
CA VAL D 327 -1.49 0.58 20.88
C VAL D 327 -1.35 1.16 22.30
N ASN D 328 -2.25 0.77 23.20
CA ASN D 328 -2.19 1.19 24.60
C ASN D 328 -1.60 0.07 25.47
N VAL D 329 -0.69 0.43 26.37
CA VAL D 329 -0.06 -0.53 27.30
C VAL D 329 -0.61 -0.33 28.71
N TYR D 330 -1.19 -1.40 29.30
CA TYR D 330 -1.78 -1.38 30.64
C TYR D 330 -1.06 -2.37 31.56
N ASP D 331 -0.79 -1.93 32.79
CA ASP D 331 -0.39 -2.83 33.88
C ASP D 331 -1.67 -3.37 34.51
N ILE D 332 -1.82 -4.70 34.54
CA ILE D 332 -3.04 -5.34 35.08
C ILE D 332 -2.73 -6.21 36.31
N SER D 333 -1.68 -5.86 37.02
CA SER D 333 -1.24 -6.63 38.19
C SER D 333 -2.19 -6.42 39.39
N GLN D 334 -3.01 -5.38 39.31
CA GLN D 334 -4.11 -5.18 40.27
C GLN D 334 -5.45 -5.16 39.51
N PRO D 335 -6.58 -5.34 40.22
CA PRO D 335 -7.88 -5.37 39.56
C PRO D 335 -8.18 -4.19 38.63
N GLU D 336 -7.81 -2.97 39.02
CA GLU D 336 -7.96 -1.82 38.13
C GLU D 336 -6.72 -1.67 37.26
N PRO D 337 -6.90 -1.70 35.93
CA PRO D 337 -5.76 -1.50 35.05
C PRO D 337 -5.22 -0.09 35.14
N LYS D 338 -3.92 0.05 34.95
CA LYS D 338 -3.26 1.34 34.91
C LYS D 338 -2.63 1.55 33.54
N LEU D 339 -2.97 2.64 32.90
CA LEU D 339 -2.42 2.97 31.59
C LEU D 339 -0.98 3.48 31.70
N LEU D 340 -0.04 2.79 31.03
CA LEU D 340 1.39 3.15 31.07
C LEU D 340 1.81 4.07 29.91
N ARG D 341 1.37 3.75 28.69
CA ARG D 341 1.65 4.62 27.54
C ARG D 341 0.81 4.23 26.36
N THR D 342 0.85 5.08 25.34
CA THR D 342 0.21 4.81 24.07
C THR D 342 1.28 4.96 22.99
N ILE D 343 1.30 4.00 22.07
CA ILE D 343 2.17 4.02 20.92
C ILE D 343 1.32 4.48 19.76
N GLU D 344 1.58 5.69 19.27
CA GLU D 344 0.77 6.28 18.21
C GLU D 344 1.28 5.86 16.84
N GLY D 345 0.37 5.54 15.94
CA GLY D 345 0.75 5.23 14.56
C GLY D 345 1.48 3.92 14.38
N ALA D 346 1.15 2.93 15.20
CA ALA D 346 1.76 1.60 15.10
C ALA D 346 1.34 0.85 13.86
N ALA D 347 0.20 1.25 13.30
CA ALA D 347 -0.35 0.62 12.12
C ALA D 347 -1.35 1.54 11.46
N GLU D 348 -1.67 1.24 10.22
CA GLU D 348 -2.71 1.94 9.53
C GLU D 348 -4.08 1.27 9.70
N ALA D 349 -4.08 -0.06 9.76
CA ALA D 349 -5.35 -0.83 9.88
C ALA D 349 -5.04 -2.20 10.50
N SER D 350 -4.85 -2.19 11.81
CA SER D 350 -4.57 -3.42 12.55
C SER D 350 -5.68 -3.75 13.52
N LEU D 351 -6.08 -5.03 13.53
CA LEU D 351 -7.03 -5.56 14.49
C LEU D 351 -6.39 -6.65 15.36
N GLN D 352 -5.07 -6.76 15.36
CA GLN D 352 -4.42 -7.78 16.16
C GLN D 352 -3.03 -7.36 16.58
N VAL D 353 -2.81 -7.42 17.90
CA VAL D 353 -1.49 -7.25 18.46
C VAL D 353 -1.14 -8.44 19.37
N GLN D 354 0.14 -8.81 19.42
CA GLN D 354 0.61 -9.99 20.18
C GLN D 354 1.98 -9.70 20.80
N PHE D 355 2.20 -10.19 22.03
CA PHE D 355 3.53 -10.14 22.65
C PHE D 355 4.46 -11.20 22.08
N HIS D 356 5.76 -10.91 22.06
CA HIS D 356 6.74 -11.98 21.93
C HIS D 356 6.65 -12.86 23.17
N PRO D 357 6.51 -14.19 23.01
CA PRO D 357 6.37 -15.05 24.16
C PRO D 357 7.60 -15.02 25.05
N VAL D 358 7.34 -14.95 26.35
CA VAL D 358 8.33 -15.20 27.35
C VAL D 358 7.84 -16.41 28.14
N GLY D 359 8.72 -17.37 28.30
CA GLY D 359 8.40 -18.54 29.13
C GLY D 359 7.18 -19.24 28.60
N GLY D 360 6.26 -19.64 29.48
CA GLY D 360 4.96 -20.20 29.07
C GLY D 360 4.88 -21.71 29.13
N THR D 361 5.99 -22.36 29.45
CA THR D 361 6.03 -23.81 29.64
C THR D 361 5.07 -24.22 30.74
#